data_3TMQ
#
_entry.id   3TMQ
#
_cell.length_a   89.720
_cell.length_b   92.080
_cell.length_c   152.980
_cell.angle_alpha   90.000
_cell.angle_beta   90.000
_cell.angle_gamma   90.000
#
_symmetry.space_group_name_H-M   'P 21 21 21'
#
loop_
_entity.id
_entity.type
_entity.pdbx_description
1 polymer '2-dehydro-3-deoxyphosphooctonate aldolase 2'
2 non-polymer ARABINOSE-5-PHOSPHATE
3 non-polymer 'NITRATE ION'
4 non-polymer 1,2-ETHANEDIOL
5 water water
#
_entity_poly.entity_id   1
_entity_poly.type   'polypeptide(L)'
_entity_poly.pdbx_seq_one_letter_code
;GPGSMNVAISPGVTAGNSLPFVLFGGINVLESLDFTLDVCGEYVAVTRKLGIPFVFKASFDKANRSSIHSYRGVGLDEGL
KIFAEVKARFGVPVITDVHEAEQAAPVAEIADVLQVPAFLARQTDLVVAIAKAGKPVNVKKPQFMSPTQLKHVVSKCGEV
GNDRVMLCERGSSFGYDNLVVDMLGFRQMAETTGGCPVIFDVTHSLQCRDPLGDASGGRRRQVLDLARAGIAVGIAGLFL
EAHPDPDRARCDGPSALPLHQLEGLLSQMKAIDDLVKRMPALEIR
;
_entity_poly.pdbx_strand_id   A,B,C,D
#
loop_
_chem_comp.id
_chem_comp.type
_chem_comp.name
_chem_comp.formula
A5P non-polymer ARABINOSE-5-PHOSPHATE 'C5 H13 O8 P'
EDO non-polymer 1,2-ETHANEDIOL 'C2 H6 O2'
NO3 non-polymer 'NITRATE ION' 'N O3 -1'
#
# COMPACT_ATOMS: atom_id res chain seq x y z
N MET A 5 31.35 -0.59 4.59
CA MET A 5 32.30 -1.72 4.70
C MET A 5 32.34 -2.48 3.37
N ASN A 6 33.50 -3.04 3.06
CA ASN A 6 33.68 -3.82 1.84
C ASN A 6 33.69 -5.32 2.14
N VAL A 7 32.98 -6.11 1.33
CA VAL A 7 32.90 -7.56 1.55
C VAL A 7 33.72 -8.27 0.47
N ALA A 8 34.79 -8.92 0.90
CA ALA A 8 35.66 -9.72 0.01
C ALA A 8 34.97 -11.04 -0.31
N ILE A 9 34.79 -11.34 -1.59
CA ILE A 9 34.03 -12.52 -2.02
C ILE A 9 34.96 -13.58 -2.58
N SER A 10 35.91 -13.16 -3.40
CA SER A 10 36.92 -14.03 -4.02
C SER A 10 38.00 -13.12 -4.58
N PRO A 11 39.12 -13.71 -5.06
CA PRO A 11 40.17 -12.89 -5.63
C PRO A 11 39.66 -12.04 -6.77
N GLY A 12 39.83 -10.73 -6.64
CA GLY A 12 39.37 -9.79 -7.65
C GLY A 12 37.90 -9.46 -7.61
N VAL A 13 37.16 -9.93 -6.59
CA VAL A 13 35.74 -9.55 -6.44
C VAL A 13 35.44 -9.11 -4.99
N THR A 14 35.30 -7.79 -4.82
CA THR A 14 34.95 -7.18 -3.53
C THR A 14 33.75 -6.26 -3.74
N ALA A 15 32.73 -6.40 -2.88
CA ALA A 15 31.52 -5.56 -2.96
C ALA A 15 31.51 -4.47 -1.91
N GLY A 16 31.22 -3.24 -2.35
CA GLY A 16 31.11 -2.13 -1.43
C GLY A 16 30.41 -0.95 -2.06
N ASN A 17 29.73 -0.15 -1.24
CA ASN A 17 28.88 0.92 -1.73
C ASN A 17 29.65 2.06 -2.42
N SER A 18 30.96 2.19 -2.18
CA SER A 18 31.75 3.21 -2.87
C SER A 18 32.62 2.60 -3.98
N LEU A 19 32.49 1.30 -4.20
CA LEU A 19 33.33 0.58 -5.17
C LEU A 19 32.59 0.38 -6.50
N PRO A 20 33.32 0.04 -7.56
CA PRO A 20 32.63 -0.30 -8.80
C PRO A 20 31.64 -1.46 -8.57
N PHE A 21 30.44 -1.40 -9.16
CA PHE A 21 29.38 -2.35 -8.76
C PHE A 21 29.81 -3.77 -9.15
N VAL A 22 29.38 -4.77 -8.39
CA VAL A 22 29.59 -6.19 -8.72
C VAL A 22 28.29 -6.73 -9.31
N LEU A 23 28.39 -7.51 -10.39
CA LEU A 23 27.21 -8.16 -10.96
C LEU A 23 27.07 -9.52 -10.31
N PHE A 24 25.93 -9.71 -9.65
CA PHE A 24 25.51 -11.04 -9.21
C PHE A 24 24.47 -11.45 -10.26
N GLY A 25 24.92 -12.21 -11.25
CA GLY A 25 24.07 -12.44 -12.41
C GLY A 25 23.99 -13.89 -12.80
N GLY A 26 22.84 -14.29 -13.31
CA GLY A 26 22.72 -15.66 -13.77
C GLY A 26 21.36 -16.09 -14.27
N ILE A 27 20.92 -17.24 -13.77
CA ILE A 27 19.65 -17.82 -14.13
C ILE A 27 18.79 -18.03 -12.89
N ASN A 28 17.48 -18.15 -13.06
CA ASN A 28 16.64 -18.37 -11.91
C ASN A 28 16.88 -19.73 -11.25
N VAL A 29 16.90 -20.81 -12.03
CA VAL A 29 16.90 -22.17 -11.48
C VAL A 29 17.76 -23.12 -12.34
N LEU A 30 18.54 -23.96 -11.65
CA LEU A 30 19.34 -25.00 -12.30
C LEU A 30 18.45 -26.10 -12.86
N GLU A 31 18.50 -26.31 -14.18
CA GLU A 31 17.77 -27.40 -14.84
C GLU A 31 18.72 -28.49 -15.33
N SER A 32 19.86 -28.09 -15.89
CA SER A 32 20.85 -29.06 -16.37
C SER A 32 22.24 -28.45 -16.41
N LEU A 33 23.26 -29.31 -16.39
CA LEU A 33 24.64 -28.86 -16.42
C LEU A 33 24.99 -28.06 -17.67
N ASP A 34 24.66 -28.58 -18.86
CA ASP A 34 25.08 -27.96 -20.11
C ASP A 34 24.47 -26.58 -20.37
N PHE A 35 23.19 -26.43 -20.07
CA PHE A 35 22.52 -25.12 -20.17
C PHE A 35 23.14 -24.10 -19.17
N THR A 36 23.33 -24.50 -17.92
CA THR A 36 24.02 -23.68 -16.93
C THR A 36 25.41 -23.26 -17.40
N LEU A 37 26.22 -24.20 -17.86
CA LEU A 37 27.56 -23.87 -18.36
C LEU A 37 27.48 -22.87 -19.54
N ASP A 38 26.54 -23.11 -20.46
CA ASP A 38 26.42 -22.26 -21.66
C ASP A 38 26.02 -20.82 -21.30
N VAL A 39 25.03 -20.66 -20.40
CA VAL A 39 24.60 -19.33 -19.99
C VAL A 39 25.71 -18.67 -19.15
N CYS A 40 26.29 -19.40 -18.20
CA CYS A 40 27.39 -18.85 -17.39
C CYS A 40 28.54 -18.36 -18.27
N GLY A 41 28.89 -19.18 -19.26
CA GLY A 41 29.90 -18.82 -20.25
C GLY A 41 29.64 -17.50 -20.96
N GLU A 42 28.37 -17.20 -21.29
CA GLU A 42 28.07 -15.90 -21.95
C GLU A 42 28.22 -14.74 -20.98
N TYR A 43 27.80 -14.93 -19.72
CA TYR A 43 28.00 -13.93 -18.69
C TYR A 43 29.49 -13.64 -18.46
N VAL A 44 30.29 -14.70 -18.36
CA VAL A 44 31.74 -14.57 -18.14
C VAL A 44 32.43 -13.83 -19.29
N ALA A 45 32.05 -14.15 -20.52
CA ALA A 45 32.59 -13.45 -21.71
C ALA A 45 32.22 -11.95 -21.68
N VAL A 46 30.95 -11.66 -21.41
CA VAL A 46 30.48 -10.28 -21.47
C VAL A 46 31.10 -9.46 -20.33
N THR A 47 31.08 -9.98 -19.10
CA THR A 47 31.67 -9.23 -17.97
C THR A 47 33.19 -9.01 -18.11
N ARG A 48 33.89 -10.02 -18.62
CA ARG A 48 35.34 -9.92 -18.83
C ARG A 48 35.63 -8.86 -19.88
N LYS A 49 34.90 -8.90 -20.99
CA LYS A 49 35.02 -7.89 -22.03
C LYS A 49 34.77 -6.48 -21.47
N LEU A 50 33.68 -6.29 -20.74
CA LEU A 50 33.35 -4.95 -20.22
C LEU A 50 34.17 -4.53 -18.98
N GLY A 51 34.74 -5.51 -18.27
CA GLY A 51 35.52 -5.27 -17.05
C GLY A 51 34.63 -5.05 -15.83
N ILE A 52 33.65 -5.94 -15.64
CA ILE A 52 32.72 -5.85 -14.50
C ILE A 52 32.96 -7.06 -13.59
N PRO A 53 33.20 -6.84 -12.28
CA PRO A 53 33.39 -7.99 -11.40
C PRO A 53 32.11 -8.81 -11.35
N PHE A 54 32.25 -10.14 -11.28
CA PHE A 54 31.15 -11.05 -11.58
C PHE A 54 31.06 -12.25 -10.64
N VAL A 55 29.84 -12.49 -10.12
CA VAL A 55 29.50 -13.68 -9.36
C VAL A 55 28.32 -14.39 -10.03
N PHE A 56 28.48 -15.67 -10.37
CA PHE A 56 27.38 -16.40 -11.04
C PHE A 56 26.29 -16.90 -10.09
N LYS A 57 25.04 -16.58 -10.40
CA LYS A 57 23.86 -16.96 -9.57
C LYS A 57 22.95 -18.00 -10.21
N ALA A 58 22.47 -18.92 -9.39
CA ALA A 58 21.38 -19.83 -9.77
C ALA A 58 20.83 -20.43 -8.51
N SER A 59 19.55 -20.83 -8.52
CA SER A 59 18.97 -21.61 -7.39
C SER A 59 19.05 -23.10 -7.68
N PHE A 60 19.44 -23.90 -6.69
CA PHE A 60 19.37 -25.36 -6.84
C PHE A 60 17.93 -25.90 -6.62
N ASP A 61 17.12 -25.11 -5.91
CA ASP A 61 15.72 -25.47 -5.62
C ASP A 61 14.88 -24.20 -5.47
N LYS A 62 13.66 -24.22 -6.00
CA LYS A 62 12.66 -23.20 -5.68
C LYS A 62 11.72 -23.84 -4.67
N ALA A 63 11.91 -23.47 -3.41
CA ALA A 63 11.22 -24.16 -2.32
C ALA A 63 9.88 -23.50 -1.99
N ASN A 64 9.56 -22.43 -2.73
CA ASN A 64 8.39 -21.62 -2.45
C ASN A 64 7.52 -21.35 -3.68
N ARG A 65 7.52 -22.21 -4.69
CA ARG A 65 6.65 -21.99 -5.83
C ARG A 65 5.22 -21.90 -5.28
N SER A 66 4.37 -21.11 -5.91
CA SER A 66 2.97 -21.00 -5.44
C SER A 66 2.30 -22.35 -5.61
N SER A 67 2.44 -22.94 -6.79
CA SER A 67 1.77 -24.19 -7.09
C SER A 67 2.66 -25.38 -6.87
N ILE A 68 2.11 -26.44 -6.28
CA ILE A 68 2.77 -27.75 -6.17
C ILE A 68 3.17 -28.32 -7.55
N HIS A 69 2.51 -27.85 -8.61
CA HIS A 69 2.70 -28.37 -9.96
C HIS A 69 3.83 -27.70 -10.69
N SER A 70 4.39 -26.64 -10.11
CA SER A 70 5.40 -25.85 -10.82
C SER A 70 6.80 -26.43 -10.64
N TYR A 71 7.69 -26.04 -11.54
CA TYR A 71 9.03 -26.61 -11.59
C TYR A 71 9.89 -26.13 -10.42
N ARG A 72 10.65 -27.04 -9.80
CA ARG A 72 11.46 -26.71 -8.60
C ARG A 72 12.97 -26.68 -8.85
N GLY A 73 13.45 -27.23 -9.96
CA GLY A 73 14.89 -27.34 -10.19
C GLY A 73 15.48 -28.68 -9.83
N VAL A 74 16.75 -28.88 -10.19
CA VAL A 74 17.41 -30.17 -9.99
C VAL A 74 17.58 -30.63 -8.57
N GLY A 75 17.54 -29.72 -7.59
CA GLY A 75 17.69 -30.09 -6.19
C GLY A 75 19.12 -29.98 -5.68
N LEU A 76 19.29 -30.19 -4.38
CA LEU A 76 20.53 -29.88 -3.70
C LEU A 76 21.72 -30.66 -4.27
N ASP A 77 21.62 -31.99 -4.24
CA ASP A 77 22.75 -32.86 -4.62
C ASP A 77 23.21 -32.60 -6.06
N GLU A 78 22.30 -32.66 -7.02
CA GLU A 78 22.70 -32.39 -8.41
C GLU A 78 23.13 -30.92 -8.61
N GLY A 79 22.51 -30.00 -7.87
CA GLY A 79 22.81 -28.57 -8.00
C GLY A 79 24.22 -28.24 -7.60
N LEU A 80 24.66 -28.86 -6.51
CA LEU A 80 26.00 -28.67 -5.97
C LEU A 80 27.05 -29.23 -6.93
N LYS A 81 26.74 -30.32 -7.64
CA LYS A 81 27.64 -30.86 -8.66
C LYS A 81 27.76 -29.93 -9.87
N ILE A 82 26.64 -29.31 -10.27
CA ILE A 82 26.69 -28.34 -11.37
C ILE A 82 27.58 -27.17 -10.95
N PHE A 83 27.35 -26.65 -9.76
CA PHE A 83 28.16 -25.54 -9.26
C PHE A 83 29.65 -25.86 -9.19
N ALA A 84 30.01 -27.07 -8.79
CA ALA A 84 31.42 -27.50 -8.79
C ALA A 84 32.00 -27.53 -10.22
N GLU A 85 31.25 -28.06 -11.19
CA GLU A 85 31.66 -27.99 -12.60
C GLU A 85 31.76 -26.53 -13.12
N VAL A 86 30.81 -25.65 -12.74
CA VAL A 86 30.85 -24.24 -13.17
C VAL A 86 32.12 -23.52 -12.68
N LYS A 87 32.42 -23.71 -11.39
CA LYS A 87 33.62 -23.17 -10.76
C LYS A 87 34.92 -23.65 -11.39
N ALA A 88 35.03 -24.97 -11.64
CA ALA A 88 36.26 -25.54 -12.21
C ALA A 88 36.48 -25.06 -13.64
N ARG A 89 35.39 -24.98 -14.39
CA ARG A 89 35.42 -24.64 -15.81
C ARG A 89 35.71 -23.17 -16.08
N PHE A 90 35.24 -22.27 -15.21
CA PHE A 90 35.38 -20.83 -15.44
C PHE A 90 36.14 -20.07 -14.37
N GLY A 91 36.30 -20.64 -13.19
CA GLY A 91 36.96 -19.93 -12.09
C GLY A 91 36.16 -18.75 -11.55
N VAL A 92 34.84 -18.85 -11.67
CA VAL A 92 33.94 -17.78 -11.23
C VAL A 92 33.41 -18.17 -9.85
N PRO A 93 33.27 -17.18 -8.94
CA PRO A 93 32.58 -17.49 -7.69
C PRO A 93 31.08 -17.61 -7.95
N VAL A 94 30.38 -18.29 -7.04
CA VAL A 94 28.94 -18.53 -7.23
C VAL A 94 28.12 -18.17 -5.99
N ILE A 95 26.86 -17.87 -6.23
CA ILE A 95 25.93 -17.51 -5.19
C ILE A 95 24.71 -18.35 -5.36
N THR A 96 24.25 -18.95 -4.27
CA THR A 96 22.96 -19.61 -4.29
C THR A 96 22.18 -19.42 -2.99
N ASP A 97 20.88 -19.71 -3.04
CA ASP A 97 20.04 -19.55 -1.87
C ASP A 97 19.84 -20.85 -1.09
N VAL A 98 19.61 -20.70 0.22
CA VAL A 98 19.51 -21.79 1.17
C VAL A 98 18.17 -21.74 1.91
N HIS A 99 17.44 -22.86 1.92
CA HIS A 99 16.06 -22.93 2.42
C HIS A 99 15.85 -23.63 3.74
N GLU A 100 16.79 -24.45 4.16
CA GLU A 100 16.73 -25.09 5.48
C GLU A 100 18.09 -25.01 6.17
N ALA A 101 18.08 -24.90 7.51
CA ALA A 101 19.31 -24.78 8.30
C ALA A 101 20.37 -25.79 7.89
N GLU A 102 19.99 -27.07 7.75
CA GLU A 102 20.94 -28.15 7.52
C GLU A 102 21.60 -28.09 6.14
N GLN A 103 21.02 -27.33 5.21
CA GLN A 103 21.61 -27.11 3.90
C GLN A 103 22.80 -26.16 3.92
N ALA A 104 22.94 -25.32 4.96
CA ALA A 104 23.94 -24.22 4.92
C ALA A 104 25.38 -24.73 4.78
N ALA A 105 25.77 -25.70 5.61
CA ALA A 105 27.12 -26.28 5.60
C ALA A 105 27.48 -26.98 4.28
N PRO A 106 26.60 -27.88 3.79
CA PRO A 106 27.01 -28.50 2.53
C PRO A 106 27.09 -27.46 1.42
N VAL A 107 26.15 -26.51 1.39
CA VAL A 107 26.19 -25.47 0.37
C VAL A 107 27.51 -24.68 0.44
N ALA A 108 27.96 -24.33 1.65
CA ALA A 108 29.15 -23.48 1.84
C ALA A 108 30.45 -24.12 1.36
N GLU A 109 30.50 -25.45 1.35
CA GLU A 109 31.66 -26.17 0.83
C GLU A 109 31.86 -25.83 -0.65
N ILE A 110 30.79 -25.52 -1.40
CA ILE A 110 30.87 -25.19 -2.83
C ILE A 110 30.62 -23.70 -3.18
N ALA A 111 29.54 -23.13 -2.64
CA ALA A 111 29.14 -21.75 -2.96
C ALA A 111 30.03 -20.73 -2.29
N ASP A 112 30.18 -19.56 -2.92
CA ASP A 112 31.03 -18.48 -2.39
C ASP A 112 30.27 -17.38 -1.67
N VAL A 113 28.96 -17.35 -1.88
CA VAL A 113 28.06 -16.48 -1.13
C VAL A 113 26.77 -17.25 -0.91
N LEU A 114 26.20 -17.15 0.29
CA LEU A 114 24.97 -17.84 0.62
C LEU A 114 23.86 -16.82 0.76
N GLN A 115 22.71 -17.10 0.17
CA GLN A 115 21.62 -16.17 0.15
C GLN A 115 20.46 -16.63 1.03
N VAL A 116 19.90 -15.68 1.79
CA VAL A 116 18.68 -15.85 2.56
C VAL A 116 17.46 -15.42 1.73
N PRO A 117 16.51 -16.33 1.47
CA PRO A 117 15.32 -15.98 0.68
C PRO A 117 14.43 -14.91 1.33
N ALA A 118 13.79 -14.09 0.50
CA ALA A 118 12.98 -12.97 1.00
C ALA A 118 11.96 -13.37 2.08
N PHE A 119 11.16 -14.42 1.84
CA PHE A 119 10.11 -14.78 2.80
C PHE A 119 10.68 -15.28 4.14
N LEU A 120 11.93 -15.75 4.12
CA LEU A 120 12.55 -16.44 5.28
C LEU A 120 13.54 -15.61 6.07
N ALA A 121 13.73 -14.34 5.68
CA ALA A 121 14.74 -13.50 6.34
C ALA A 121 14.49 -13.23 7.85
N ARG A 122 13.26 -13.45 8.37
CA ARG A 122 13.04 -13.31 9.80
C ARG A 122 13.28 -14.62 10.59
N GLN A 123 13.54 -15.73 9.89
CA GLN A 123 13.61 -17.04 10.57
C GLN A 123 14.99 -17.25 11.23
N THR A 124 15.02 -17.09 12.55
CA THR A 124 16.25 -17.00 13.34
C THR A 124 17.23 -18.17 13.11
N ASP A 125 16.73 -19.40 13.22
CA ASP A 125 17.63 -20.55 13.13
C ASP A 125 18.17 -20.72 11.70
N LEU A 126 17.38 -20.33 10.70
CA LEU A 126 17.87 -20.32 9.34
C LEU A 126 18.97 -19.26 9.14
N VAL A 127 18.72 -18.04 9.56
CA VAL A 127 19.71 -16.95 9.37
C VAL A 127 21.01 -17.29 10.13
N VAL A 128 20.86 -17.79 11.35
CA VAL A 128 22.01 -18.16 12.16
C VAL A 128 22.85 -19.30 11.54
N ALA A 129 22.17 -20.36 11.07
CA ALA A 129 22.78 -21.45 10.32
C ALA A 129 23.54 -20.95 9.11
N ILE A 130 22.91 -20.11 8.32
CA ILE A 130 23.53 -19.59 7.11
C ILE A 130 24.78 -18.81 7.49
N ALA A 131 24.67 -17.96 8.52
CA ALA A 131 25.77 -17.11 8.97
C ALA A 131 26.96 -17.91 9.46
N LYS A 132 26.68 -18.99 10.20
CA LYS A 132 27.71 -19.79 10.83
C LYS A 132 28.53 -20.57 9.82
N ALA A 133 27.99 -20.81 8.63
CA ALA A 133 28.67 -21.58 7.60
C ALA A 133 29.93 -20.89 7.04
N GLY A 134 30.15 -19.62 7.38
CA GLY A 134 31.44 -18.98 7.14
C GLY A 134 31.65 -18.21 5.86
N LYS A 135 30.64 -18.14 4.99
CA LYS A 135 30.75 -17.41 3.73
C LYS A 135 29.98 -16.08 3.81
N PRO A 136 30.29 -15.12 2.92
CA PRO A 136 29.49 -13.92 2.93
C PRO A 136 28.01 -14.24 2.68
N VAL A 137 27.14 -13.45 3.28
CA VAL A 137 25.71 -13.68 3.20
C VAL A 137 25.04 -12.55 2.44
N ASN A 138 24.14 -12.91 1.52
CA ASN A 138 23.23 -11.98 0.85
C ASN A 138 21.80 -12.16 1.38
N VAL A 139 21.25 -11.11 1.97
CA VAL A 139 19.90 -11.17 2.56
C VAL A 139 18.95 -10.46 1.62
N LYS A 140 17.98 -11.21 1.09
CA LYS A 140 16.93 -10.63 0.30
C LYS A 140 16.00 -9.95 1.27
N LYS A 141 15.70 -8.67 1.04
CA LYS A 141 14.81 -7.92 1.92
C LYS A 141 13.39 -8.36 1.67
N PRO A 142 12.70 -8.80 2.73
CA PRO A 142 11.31 -9.19 2.47
C PRO A 142 10.42 -8.06 1.90
N GLN A 143 9.46 -8.50 1.12
CA GLN A 143 8.46 -7.64 0.55
C GLN A 143 7.65 -6.96 1.66
N PHE A 144 7.60 -7.59 2.84
CA PHE A 144 6.85 -7.11 4.01
C PHE A 144 7.65 -6.32 5.03
N MET A 145 8.96 -6.15 4.79
CA MET A 145 9.89 -5.52 5.76
C MET A 145 10.31 -4.12 5.34
N SER A 146 10.22 -3.16 6.26
CA SER A 146 10.74 -1.82 5.99
C SER A 146 12.29 -1.77 6.01
N PRO A 147 12.87 -0.84 5.22
CA PRO A 147 14.33 -0.84 5.06
C PRO A 147 15.15 -0.61 6.35
N THR A 148 14.55 0.04 7.35
CA THR A 148 15.20 0.32 8.62
C THR A 148 15.12 -0.87 9.62
N GLN A 149 14.50 -1.98 9.25
CA GLN A 149 14.48 -3.17 10.09
C GLN A 149 15.48 -4.24 9.68
N LEU A 150 16.16 -4.06 8.55
CA LEU A 150 17.20 -5.04 8.15
C LEU A 150 18.30 -5.14 9.18
N LYS A 151 18.58 -4.06 9.90
CA LYS A 151 19.58 -4.08 10.96
C LYS A 151 19.47 -5.34 11.86
N HIS A 152 18.24 -5.76 12.16
CA HIS A 152 18.04 -6.92 13.04
C HIS A 152 18.49 -8.22 12.42
N VAL A 153 18.33 -8.35 11.11
CA VAL A 153 18.85 -9.53 10.42
C VAL A 153 20.42 -9.53 10.48
N VAL A 154 21.02 -8.38 10.18
CA VAL A 154 22.49 -8.21 10.30
C VAL A 154 23.03 -8.57 11.69
N SER A 155 22.33 -8.12 12.74
CA SER A 155 22.72 -8.44 14.11
C SER A 155 22.64 -9.94 14.41
N LYS A 156 21.66 -10.65 13.85
CA LYS A 156 21.64 -12.11 14.02
C LYS A 156 22.93 -12.73 13.45
N CYS A 157 23.34 -12.30 12.26
CA CYS A 157 24.53 -12.84 11.61
C CYS A 157 25.76 -12.47 12.46
N GLY A 158 25.81 -11.22 12.89
CA GLY A 158 26.88 -10.70 13.75
C GLY A 158 27.01 -11.47 15.06
N GLU A 159 25.87 -11.76 15.68
CA GLU A 159 25.83 -12.48 16.97
C GLU A 159 26.59 -13.82 16.93
N VAL A 160 26.65 -14.44 15.75
CA VAL A 160 27.41 -15.69 15.58
C VAL A 160 28.74 -15.53 14.82
N GLY A 161 29.29 -14.32 14.76
CA GLY A 161 30.61 -14.09 14.20
C GLY A 161 30.76 -13.80 12.71
N ASN A 162 29.65 -13.53 12.01
CA ASN A 162 29.75 -13.25 10.58
C ASN A 162 29.40 -11.78 10.32
N ASP A 163 30.40 -10.96 9.99
CA ASP A 163 30.16 -9.55 9.71
C ASP A 163 30.27 -9.26 8.22
N ARG A 164 30.21 -10.30 7.39
CA ARG A 164 30.22 -10.12 5.94
C ARG A 164 28.79 -10.27 5.36
N VAL A 165 27.96 -9.26 5.58
CA VAL A 165 26.55 -9.30 5.18
C VAL A 165 26.19 -8.23 4.17
N MET A 166 25.51 -8.63 3.11
CA MET A 166 25.08 -7.71 2.10
C MET A 166 23.55 -7.69 2.09
N LEU A 167 22.98 -6.57 1.66
CA LEU A 167 21.54 -6.32 1.79
C LEU A 167 20.92 -6.06 0.40
N CYS A 168 19.95 -6.88 0.03
CA CYS A 168 19.43 -6.88 -1.35
C CYS A 168 17.99 -6.47 -1.47
N GLU A 169 17.78 -5.34 -2.12
CA GLU A 169 16.47 -4.81 -2.45
C GLU A 169 15.79 -5.64 -3.53
N ARG A 170 14.54 -6.05 -3.26
CA ARG A 170 13.77 -6.77 -4.27
C ARG A 170 12.31 -6.35 -4.30
N GLY A 171 12.01 -5.16 -3.79
CA GLY A 171 10.67 -4.59 -3.92
C GLY A 171 9.85 -4.72 -2.67
N SER A 172 8.80 -3.91 -2.58
CA SER A 172 7.90 -3.89 -1.43
C SER A 172 6.45 -4.08 -1.88
N SER A 173 5.67 -4.81 -1.09
CA SER A 173 4.27 -5.03 -1.34
C SER A 173 3.53 -3.70 -1.50
N PHE A 174 2.83 -3.57 -2.62
CA PHE A 174 2.10 -2.33 -2.97
C PHE A 174 0.67 -2.68 -3.32
N GLY A 175 -0.21 -2.67 -2.34
CA GLY A 175 -1.51 -3.26 -2.51
C GLY A 175 -1.41 -4.75 -2.72
N TYR A 176 -2.38 -5.31 -3.44
CA TYR A 176 -2.35 -6.73 -3.76
C TYR A 176 -1.59 -7.00 -5.06
N ASP A 177 -0.81 -8.07 -5.08
CA ASP A 177 -0.30 -8.64 -6.32
C ASP A 177 0.58 -7.67 -7.14
N ASN A 178 1.30 -6.80 -6.45
CA ASN A 178 2.21 -5.86 -7.10
C ASN A 178 3.35 -5.47 -6.13
N LEU A 179 4.48 -5.09 -6.69
CA LEU A 179 5.64 -4.63 -5.96
C LEU A 179 5.98 -3.22 -6.46
N VAL A 180 6.49 -2.39 -5.55
CA VAL A 180 7.11 -1.10 -5.91
C VAL A 180 8.48 -1.05 -5.27
N VAL A 181 9.42 -0.34 -5.91
CA VAL A 181 10.74 -0.17 -5.35
C VAL A 181 10.85 1.24 -4.83
N ASP A 182 11.06 1.37 -3.51
CA ASP A 182 11.31 2.67 -2.88
C ASP A 182 12.82 2.93 -2.99
N MET A 183 13.22 3.84 -3.88
CA MET A 183 14.64 4.14 -4.10
C MET A 183 15.30 4.82 -2.90
N LEU A 184 14.50 5.33 -1.96
CA LEU A 184 15.03 5.91 -0.73
C LEU A 184 15.44 4.85 0.28
N GLY A 185 15.08 3.59 0.01
CA GLY A 185 15.42 2.48 0.88
C GLY A 185 16.89 2.15 0.96
N PHE A 186 17.61 2.22 -0.16
CA PHE A 186 19.06 1.86 -0.18
C PHE A 186 19.86 2.56 0.94
N ARG A 187 19.74 3.88 1.00
CA ARG A 187 20.46 4.64 2.03
C ARG A 187 20.04 4.24 3.45
N GLN A 188 18.74 4.04 3.66
CA GLN A 188 18.24 3.64 4.97
C GLN A 188 18.79 2.27 5.37
N MET A 189 18.89 1.33 4.42
CA MET A 189 19.55 0.04 4.65
C MET A 189 21.05 0.20 5.01
N ALA A 190 21.77 0.97 4.20
CA ALA A 190 23.20 1.24 4.43
C ALA A 190 23.45 1.99 5.77
N GLU A 191 22.72 3.07 6.01
CA GLU A 191 23.02 3.90 7.19
C GLU A 191 22.60 3.33 8.55
N THR A 192 21.66 2.39 8.60
CA THR A 192 21.29 1.77 9.88
C THR A 192 22.04 0.47 10.17
N THR A 193 22.92 0.02 9.27
CA THR A 193 23.63 -1.24 9.48
C THR A 193 25.14 -1.06 9.43
N GLY A 194 25.62 0.15 9.71
CA GLY A 194 27.05 0.41 9.68
C GLY A 194 27.65 0.29 8.28
N GLY A 195 26.83 0.52 7.26
CA GLY A 195 27.32 0.63 5.89
C GLY A 195 27.44 -0.69 5.13
N CYS A 196 26.56 -1.65 5.41
CA CYS A 196 26.58 -2.90 4.66
C CYS A 196 26.45 -2.60 3.16
N PRO A 197 27.13 -3.40 2.31
CA PRO A 197 26.94 -3.29 0.87
C PRO A 197 25.48 -3.51 0.50
N VAL A 198 24.94 -2.61 -0.30
CA VAL A 198 23.55 -2.74 -0.78
C VAL A 198 23.53 -3.16 -2.24
N ILE A 199 22.72 -4.18 -2.51
CA ILE A 199 22.53 -4.81 -3.81
C ILE A 199 21.08 -4.58 -4.27
N PHE A 200 20.89 -4.46 -5.57
CA PHE A 200 19.57 -4.24 -6.17
C PHE A 200 19.19 -5.36 -7.13
N ASP A 201 18.17 -6.14 -6.76
CA ASP A 201 17.71 -7.25 -7.55
C ASP A 201 16.71 -6.63 -8.50
N VAL A 202 17.19 -6.28 -9.68
CA VAL A 202 16.32 -5.68 -10.66
C VAL A 202 15.26 -6.68 -11.18
N THR A 203 15.59 -7.97 -11.25
CA THR A 203 14.68 -8.97 -11.80
C THR A 203 13.41 -9.18 -10.93
N HIS A 204 13.56 -9.50 -9.65
CA HIS A 204 12.40 -9.85 -8.81
C HIS A 204 11.60 -8.63 -8.46
N SER A 205 12.25 -7.47 -8.48
CA SER A 205 11.58 -6.21 -8.24
C SER A 205 10.48 -5.91 -9.28
N LEU A 206 10.60 -6.51 -10.47
CA LEU A 206 9.64 -6.38 -11.56
C LEU A 206 8.40 -7.28 -11.42
N GLN A 207 8.34 -8.13 -10.39
CA GLN A 207 7.23 -9.08 -10.26
C GLN A 207 5.93 -8.33 -10.02
N CYS A 208 4.86 -8.92 -10.54
CA CYS A 208 3.48 -8.55 -10.25
C CYS A 208 2.68 -9.82 -10.58
N ARG A 209 1.39 -9.84 -10.30
CA ARG A 209 0.65 -11.02 -10.68
C ARG A 209 -0.87 -10.82 -10.87
N ASP A 210 -1.44 -11.81 -11.54
CA ASP A 210 -2.86 -11.93 -11.76
C ASP A 210 -3.46 -12.52 -10.48
N PRO A 211 -4.56 -11.91 -9.97
CA PRO A 211 -5.12 -12.40 -8.71
C PRO A 211 -5.50 -13.89 -8.72
N LEU A 212 -5.83 -14.42 -9.90
CA LEU A 212 -6.21 -15.81 -10.03
C LEU A 212 -5.13 -16.64 -10.73
N GLY A 213 -3.90 -16.12 -10.84
CA GLY A 213 -2.85 -16.85 -11.54
C GLY A 213 -2.35 -18.06 -10.76
N ASP A 214 -1.57 -18.89 -11.44
CA ASP A 214 -0.94 -20.06 -10.86
C ASP A 214 0.55 -19.82 -10.66
N ALA A 215 1.07 -18.74 -11.25
CA ALA A 215 2.50 -18.40 -11.21
C ALA A 215 2.66 -16.88 -11.37
N SER A 216 3.85 -16.39 -11.06
CA SER A 216 4.12 -14.98 -11.07
C SER A 216 4.02 -14.39 -12.47
N GLY A 217 3.52 -13.16 -12.54
CA GLY A 217 3.75 -12.30 -13.68
C GLY A 217 5.06 -11.58 -13.52
N GLY A 218 5.29 -10.59 -14.37
CA GLY A 218 6.53 -9.83 -14.36
C GLY A 218 6.61 -8.78 -15.45
N ARG A 219 7.59 -7.88 -15.34
CA ARG A 219 7.67 -6.75 -16.24
C ARG A 219 9.07 -6.53 -16.86
N ARG A 220 9.63 -7.59 -17.46
CA ARG A 220 10.97 -7.54 -18.06
C ARG A 220 11.15 -6.44 -19.12
N ARG A 221 10.08 -6.02 -19.78
CA ARG A 221 10.23 -5.00 -20.83
C ARG A 221 10.73 -3.68 -20.23
N GLN A 222 10.53 -3.52 -18.92
CA GLN A 222 10.97 -2.35 -18.18
C GLN A 222 12.26 -2.54 -17.36
N VAL A 223 13.01 -3.63 -17.57
CA VAL A 223 14.22 -3.86 -16.75
C VAL A 223 15.22 -2.69 -16.85
N LEU A 224 15.35 -2.06 -18.02
CA LEU A 224 16.30 -0.93 -18.17
C LEU A 224 15.85 0.31 -17.38
N ASP A 225 14.55 0.65 -17.42
CA ASP A 225 14.02 1.74 -16.61
C ASP A 225 14.47 1.57 -15.17
N LEU A 226 14.20 0.39 -14.63
CA LEU A 226 14.44 0.15 -13.21
C LEU A 226 15.93 0.11 -12.85
N ALA A 227 16.71 -0.58 -13.67
CA ALA A 227 18.14 -0.79 -13.44
C ALA A 227 18.93 0.53 -13.51
N ARG A 228 18.59 1.37 -14.47
CA ARG A 228 19.16 2.72 -14.53
C ARG A 228 18.87 3.52 -13.27
N ALA A 229 17.61 3.55 -12.85
CA ALA A 229 17.25 4.31 -11.65
C ALA A 229 18.08 3.86 -10.43
N GLY A 230 18.13 2.56 -10.21
CA GLY A 230 18.78 2.01 -9.02
C GLY A 230 20.30 2.17 -9.03
N ILE A 231 20.95 1.88 -10.15
CA ILE A 231 22.42 2.03 -10.22
C ILE A 231 22.82 3.50 -10.04
N ALA A 232 21.97 4.42 -10.47
CA ALA A 232 22.23 5.86 -10.35
C ALA A 232 22.27 6.36 -8.89
N VAL A 233 21.60 5.65 -7.99
CA VAL A 233 21.61 6.00 -6.57
C VAL A 233 23.01 5.87 -5.98
N GLY A 234 23.78 4.89 -6.44
CA GLY A 234 25.14 4.65 -5.91
C GLY A 234 25.08 3.46 -4.94
N ILE A 235 25.24 2.26 -5.50
CA ILE A 235 25.07 1.02 -4.74
C ILE A 235 26.21 0.03 -5.06
N ALA A 236 26.30 -1.04 -4.28
CA ALA A 236 27.41 -1.96 -4.29
C ALA A 236 27.27 -3.02 -5.37
N GLY A 237 26.03 -3.36 -5.73
CA GLY A 237 25.83 -4.39 -6.74
C GLY A 237 24.46 -4.46 -7.39
N LEU A 238 24.42 -5.24 -8.46
CA LEU A 238 23.22 -5.46 -9.23
C LEU A 238 23.03 -6.96 -9.28
N PHE A 239 21.79 -7.39 -9.07
CA PHE A 239 21.41 -8.80 -9.06
C PHE A 239 20.44 -8.96 -10.24
N LEU A 240 20.75 -9.88 -11.16
CA LEU A 240 20.08 -10.00 -12.46
C LEU A 240 19.94 -11.46 -12.90
N GLU A 241 18.75 -11.84 -13.35
CA GLU A 241 18.55 -13.13 -14.04
C GLU A 241 18.21 -12.94 -15.53
N ALA A 242 18.71 -13.86 -16.34
CA ALA A 242 18.48 -13.86 -17.77
C ALA A 242 18.14 -15.27 -18.28
N HIS A 243 17.63 -15.29 -19.50
CA HIS A 243 17.31 -16.52 -20.20
C HIS A 243 17.39 -16.22 -21.68
N PRO A 244 17.86 -17.15 -22.50
CA PRO A 244 17.81 -16.86 -23.95
C PRO A 244 16.40 -16.58 -24.55
N ASP A 245 15.37 -17.24 -24.03
CA ASP A 245 14.00 -17.06 -24.47
C ASP A 245 13.06 -17.07 -23.23
N PRO A 246 12.94 -15.91 -22.57
CA PRO A 246 12.24 -15.80 -21.29
C PRO A 246 10.85 -16.44 -21.23
N ASP A 247 10.07 -16.37 -22.31
CA ASP A 247 8.75 -17.02 -22.34
C ASP A 247 8.81 -18.53 -22.01
N ARG A 248 9.96 -19.17 -22.24
CA ARG A 248 10.11 -20.59 -21.93
C ARG A 248 10.89 -20.88 -20.64
N ALA A 249 11.35 -19.87 -19.91
CA ALA A 249 11.96 -20.09 -18.58
C ALA A 249 10.98 -20.85 -17.69
N ARG A 250 11.49 -21.73 -16.82
CA ARG A 250 10.60 -22.53 -15.97
C ARG A 250 10.26 -21.83 -14.63
N CYS A 251 10.92 -20.71 -14.34
CA CYS A 251 10.51 -19.89 -13.19
C CYS A 251 10.87 -18.45 -13.48
N ASP A 252 9.95 -17.53 -13.16
CA ASP A 252 10.10 -16.07 -13.30
C ASP A 252 10.54 -15.60 -14.71
N GLY A 253 10.07 -16.30 -15.74
CA GLY A 253 10.28 -15.87 -17.12
C GLY A 253 9.76 -14.48 -17.42
N PRO A 254 8.58 -14.13 -16.87
CA PRO A 254 8.06 -12.79 -17.08
C PRO A 254 8.98 -11.62 -16.67
N SER A 255 9.96 -11.87 -15.81
CA SER A 255 10.86 -10.81 -15.37
C SER A 255 12.30 -10.96 -15.87
N ALA A 256 12.59 -12.04 -16.59
CA ALA A 256 13.96 -12.37 -16.99
C ALA A 256 14.44 -11.50 -18.15
N LEU A 257 15.70 -11.08 -18.13
CA LEU A 257 16.28 -10.34 -19.26
C LEU A 257 16.53 -11.32 -20.38
N PRO A 258 16.13 -10.99 -21.62
CA PRO A 258 16.59 -11.80 -22.75
C PRO A 258 18.13 -11.81 -22.86
N LEU A 259 18.75 -13.00 -22.91
CA LEU A 259 20.20 -13.10 -22.75
C LEU A 259 20.98 -12.34 -23.80
N HIS A 260 20.44 -12.25 -25.02
CA HIS A 260 21.12 -11.51 -26.10
C HIS A 260 21.23 -10.01 -25.82
N GLN A 261 20.47 -9.52 -24.84
CA GLN A 261 20.47 -8.10 -24.43
CA GLN A 261 20.53 -8.09 -24.47
C GLN A 261 21.43 -7.80 -23.26
N LEU A 262 22.16 -8.84 -22.80
CA LEU A 262 23.02 -8.70 -21.61
C LEU A 262 24.09 -7.62 -21.77
N GLU A 263 24.87 -7.69 -22.84
CA GLU A 263 25.95 -6.71 -23.04
C GLU A 263 25.39 -5.28 -23.14
N GLY A 264 24.26 -5.12 -23.83
CA GLY A 264 23.62 -3.80 -23.96
C GLY A 264 23.18 -3.22 -22.62
N LEU A 265 22.57 -4.04 -21.77
CA LEU A 265 22.19 -3.59 -20.44
C LEU A 265 23.42 -3.23 -19.62
N LEU A 266 24.37 -4.16 -19.56
CA LEU A 266 25.57 -4.01 -18.72
C LEU A 266 26.46 -2.83 -19.12
N SER A 267 26.57 -2.52 -20.41
CA SER A 267 27.38 -1.37 -20.82
C SER A 267 26.76 -0.09 -20.24
N GLN A 268 25.42 0.00 -20.22
CA GLN A 268 24.77 1.17 -19.62
C GLN A 268 25.01 1.23 -18.11
N MET A 269 24.96 0.07 -17.44
CA MET A 269 25.13 0.02 -16.00
C MET A 269 26.53 0.51 -15.63
N LYS A 270 27.54 0.04 -16.34
CA LYS A 270 28.94 0.43 -16.12
C LYS A 270 29.14 1.93 -16.32
N ALA A 271 28.56 2.48 -17.39
CA ALA A 271 28.63 3.92 -17.68
C ALA A 271 28.03 4.78 -16.55
N ILE A 272 26.81 4.47 -16.15
CA ILE A 272 26.15 5.21 -15.07
C ILE A 272 26.90 5.00 -13.75
N ASP A 273 27.23 3.76 -13.42
CA ASP A 273 27.97 3.48 -12.19
C ASP A 273 29.30 4.22 -12.11
N ASP A 274 30.11 4.17 -13.19
CA ASP A 274 31.42 4.83 -13.19
C ASP A 274 31.26 6.36 -12.96
N LEU A 275 30.25 6.94 -13.60
CA LEU A 275 29.92 8.36 -13.41
C LEU A 275 29.56 8.66 -11.96
N VAL A 276 28.53 7.99 -11.43
CA VAL A 276 28.03 8.33 -10.09
C VAL A 276 29.01 8.06 -8.96
N LYS A 277 29.88 7.05 -9.11
CA LYS A 277 30.84 6.73 -8.07
C LYS A 277 31.97 7.78 -7.97
N ARG A 278 32.00 8.73 -8.92
CA ARG A 278 32.93 9.86 -8.94
C ARG A 278 32.34 11.18 -8.41
N MET A 279 31.04 11.18 -8.13
CA MET A 279 30.32 12.38 -7.67
C MET A 279 30.10 12.34 -6.17
N PRO A 280 30.26 13.49 -5.47
CA PRO A 280 30.08 13.55 -4.02
C PRO A 280 28.63 13.75 -3.55
N ALA A 281 28.45 13.71 -2.22
CA ALA A 281 27.22 14.16 -1.57
C ALA A 281 27.10 15.67 -1.77
N LEU A 282 25.89 16.19 -1.65
CA LEU A 282 25.72 17.65 -1.70
C LEU A 282 26.39 18.29 -0.48
N GLU A 283 26.91 19.50 -0.65
CA GLU A 283 27.53 20.28 0.45
C GLU A 283 26.50 20.61 1.55
N ILE A 284 26.89 20.42 2.81
CA ILE A 284 26.02 20.65 3.99
C ILE A 284 26.17 22.05 4.60
N SER B 4 7.25 17.15 -31.74
CA SER B 4 6.45 15.93 -32.05
C SER B 4 5.34 15.76 -30.97
N MET B 5 5.55 14.80 -30.06
CA MET B 5 4.95 14.87 -28.75
C MET B 5 5.82 15.75 -27.85
N ASN B 6 6.85 16.39 -28.40
CA ASN B 6 7.61 17.41 -27.68
C ASN B 6 6.76 18.68 -27.51
N VAL B 7 6.85 19.32 -26.36
CA VAL B 7 6.04 20.51 -26.05
C VAL B 7 6.92 21.75 -26.02
N ALA B 8 6.71 22.65 -26.99
CA ALA B 8 7.42 23.92 -27.04
C ALA B 8 6.81 24.92 -26.07
N ILE B 9 7.66 25.49 -25.24
CA ILE B 9 7.22 26.38 -24.18
C ILE B 9 7.55 27.82 -24.53
N SER B 10 8.78 28.08 -24.98
CA SER B 10 9.20 29.43 -25.38
C SER B 10 10.49 29.28 -26.23
N PRO B 11 10.95 30.35 -26.87
CA PRO B 11 12.12 30.14 -27.71
C PRO B 11 13.31 29.53 -26.94
N GLY B 12 13.89 28.46 -27.49
CA GLY B 12 14.99 27.76 -26.85
C GLY B 12 14.62 26.78 -25.75
N VAL B 13 13.33 26.69 -25.41
CA VAL B 13 12.86 25.82 -24.34
C VAL B 13 11.74 24.90 -24.81
N THR B 14 12.09 23.62 -25.01
CA THR B 14 11.12 22.58 -25.36
C THR B 14 11.34 21.33 -24.50
N ALA B 15 10.25 20.77 -23.96
CA ALA B 15 10.31 19.57 -23.15
C ALA B 15 10.03 18.33 -23.99
N GLY B 16 10.89 17.32 -23.86
CA GLY B 16 10.72 16.06 -24.61
C GLY B 16 11.42 14.91 -23.96
N ASN B 17 10.78 13.74 -24.00
CA ASN B 17 11.32 12.58 -23.32
C ASN B 17 12.69 12.15 -23.88
N SER B 18 13.02 12.50 -25.12
CA SER B 18 14.34 12.17 -25.66
C SER B 18 15.27 13.39 -25.76
N LEU B 19 14.81 14.55 -25.28
CA LEU B 19 15.60 15.80 -25.32
C LEU B 19 16.40 15.97 -24.02
N PRO B 20 17.41 16.88 -24.02
CA PRO B 20 17.98 17.27 -22.76
C PRO B 20 16.88 17.76 -21.78
N PHE B 21 17.03 17.45 -20.50
CA PHE B 21 15.96 17.69 -19.53
C PHE B 21 15.77 19.20 -19.33
N VAL B 22 14.52 19.58 -19.07
CA VAL B 22 14.19 20.96 -18.76
C VAL B 22 13.99 21.05 -17.22
N LEU B 23 14.56 22.09 -16.59
CA LEU B 23 14.34 22.40 -15.18
C LEU B 23 13.17 23.36 -15.00
N PHE B 24 12.15 22.88 -14.28
CA PHE B 24 11.01 23.70 -13.86
C PHE B 24 11.33 23.98 -12.40
N GLY B 25 11.96 25.13 -12.17
CA GLY B 25 12.61 25.38 -10.92
C GLY B 25 12.22 26.69 -10.34
N GLY B 26 11.95 26.70 -9.04
CA GLY B 26 11.67 27.97 -8.39
C GLY B 26 11.44 27.85 -6.91
N ILE B 27 10.33 28.44 -6.47
CA ILE B 27 9.98 28.56 -5.06
C ILE B 27 8.52 28.12 -4.79
N ASN B 28 8.23 27.88 -3.50
CA ASN B 28 6.91 27.46 -3.05
C ASN B 28 5.82 28.49 -3.36
N VAL B 29 5.95 29.68 -2.77
CA VAL B 29 4.93 30.71 -2.87
C VAL B 29 5.55 32.09 -3.06
N LEU B 30 4.90 32.93 -3.86
CA LEU B 30 5.28 34.32 -4.02
C LEU B 30 4.94 35.06 -2.72
N GLU B 31 5.97 35.67 -2.10
CA GLU B 31 5.81 36.47 -0.87
C GLU B 31 6.10 37.96 -1.09
N SER B 32 7.15 38.25 -1.84
CA SER B 32 7.51 39.63 -2.18
C SER B 32 8.19 39.69 -3.54
N LEU B 33 8.14 40.86 -4.16
CA LEU B 33 8.81 41.10 -5.43
C LEU B 33 10.30 40.78 -5.31
N ASP B 34 10.97 41.38 -4.32
CA ASP B 34 12.43 41.34 -4.27
C ASP B 34 12.98 39.96 -3.94
N PHE B 35 12.30 39.24 -3.06
CA PHE B 35 12.72 37.88 -2.76
C PHE B 35 12.62 36.99 -4.00
N THR B 36 11.53 37.16 -4.77
CA THR B 36 11.30 36.36 -5.98
C THR B 36 12.40 36.64 -7.04
N LEU B 37 12.71 37.93 -7.25
CA LEU B 37 13.73 38.33 -8.22
C LEU B 37 15.10 37.84 -7.83
N ASP B 38 15.41 37.88 -6.54
CA ASP B 38 16.69 37.39 -6.03
C ASP B 38 16.83 35.88 -6.26
N VAL B 39 15.86 35.08 -5.86
CA VAL B 39 15.95 33.62 -6.07
C VAL B 39 15.90 33.25 -7.58
N CYS B 40 15.00 33.87 -8.34
CA CYS B 40 14.97 33.61 -9.79
C CYS B 40 16.34 33.95 -10.41
N GLY B 41 16.93 35.06 -9.96
CA GLY B 41 18.27 35.46 -10.39
C GLY B 41 19.34 34.38 -10.25
N GLU B 42 19.31 33.70 -9.11
CA GLU B 42 20.24 32.64 -8.82
C GLU B 42 19.99 31.41 -9.72
N TYR B 43 18.73 31.02 -9.89
CA TYR B 43 18.39 29.89 -10.79
C TYR B 43 18.92 30.17 -12.20
N VAL B 44 18.75 31.41 -12.68
CA VAL B 44 19.13 31.79 -14.02
C VAL B 44 20.64 31.71 -14.17
N ALA B 45 21.36 32.22 -13.17
CA ALA B 45 22.82 32.21 -13.18
C ALA B 45 23.36 30.77 -13.18
N VAL B 46 22.85 29.91 -12.30
CA VAL B 46 23.26 28.50 -12.32
C VAL B 46 22.87 27.76 -13.62
N THR B 47 21.61 27.82 -14.03
CA THR B 47 21.19 27.12 -15.27
C THR B 47 21.91 27.61 -16.54
N ARG B 48 22.23 28.90 -16.60
CA ARG B 48 23.02 29.45 -17.71
C ARG B 48 24.43 28.88 -17.76
N LYS B 49 25.07 28.88 -16.59
CA LYS B 49 26.42 28.36 -16.45
C LYS B 49 26.49 26.91 -16.89
N LEU B 50 25.53 26.10 -16.44
CA LEU B 50 25.52 24.67 -16.76
C LEU B 50 24.89 24.31 -18.11
N GLY B 51 24.16 25.24 -18.73
CA GLY B 51 23.50 24.96 -20.03
C GLY B 51 22.23 24.13 -19.95
N ILE B 52 21.43 24.35 -18.92
CA ILE B 52 20.17 23.60 -18.73
C ILE B 52 18.99 24.55 -19.06
N PRO B 53 18.08 24.15 -19.97
CA PRO B 53 16.91 24.99 -20.27
C PRO B 53 16.03 25.18 -19.03
N PHE B 54 15.50 26.39 -18.84
CA PHE B 54 14.93 26.75 -17.54
C PHE B 54 13.59 27.45 -17.61
N VAL B 55 12.66 26.99 -16.77
CA VAL B 55 11.35 27.61 -16.61
C VAL B 55 11.19 27.88 -15.12
N PHE B 56 10.93 29.14 -14.76
CA PHE B 56 10.84 29.52 -13.36
C PHE B 56 9.45 29.25 -12.76
N LYS B 57 9.44 28.54 -11.63
CA LYS B 57 8.18 28.16 -10.95
C LYS B 57 7.85 28.95 -9.67
N ALA B 58 6.59 29.32 -9.50
CA ALA B 58 6.08 29.78 -8.22
C ALA B 58 4.56 29.71 -8.15
N SER B 59 4.00 29.51 -6.96
CA SER B 59 2.55 29.58 -6.75
C SER B 59 2.19 30.98 -6.27
N PHE B 60 1.07 31.52 -6.74
CA PHE B 60 0.57 32.82 -6.26
C PHE B 60 -0.38 32.69 -5.08
N ASP B 61 -0.77 31.45 -4.78
CA ASP B 61 -1.69 31.17 -3.67
C ASP B 61 -1.53 29.72 -3.25
N LYS B 62 -1.48 29.47 -1.94
CA LYS B 62 -1.57 28.13 -1.39
C LYS B 62 -3.01 27.95 -0.90
N ALA B 63 -3.77 27.16 -1.65
CA ALA B 63 -5.22 27.04 -1.51
C ALA B 63 -5.63 25.89 -0.58
N ASN B 64 -4.65 25.15 -0.09
CA ASN B 64 -4.91 23.93 0.70
C ASN B 64 -4.11 23.83 1.99
N ARG B 65 -3.87 24.96 2.63
CA ARG B 65 -3.23 24.94 3.95
C ARG B 65 -4.20 24.46 5.04
N SER B 66 -3.67 24.04 6.18
CA SER B 66 -4.48 23.34 7.18
C SER B 66 -5.31 24.27 8.07
N SER B 67 -5.02 25.57 8.04
CA SER B 67 -5.82 26.57 8.75
C SER B 67 -6.21 27.71 7.81
N ILE B 68 -7.41 28.27 8.00
CA ILE B 68 -7.84 29.42 7.21
C ILE B 68 -6.99 30.67 7.50
N HIS B 69 -6.33 30.72 8.66
CA HIS B 69 -5.45 31.84 9.06
C HIS B 69 -4.00 31.65 8.70
N SER B 70 -3.67 30.50 8.09
CA SER B 70 -2.31 30.23 7.64
C SER B 70 -1.95 31.05 6.40
N TYR B 71 -0.71 31.49 6.33
CA TYR B 71 -0.26 32.35 5.25
C TYR B 71 -0.39 31.69 3.88
N ARG B 72 -0.98 32.41 2.93
CA ARG B 72 -1.36 31.91 1.61
C ARG B 72 -0.60 32.49 0.41
N GLY B 73 0.34 33.42 0.66
CA GLY B 73 1.05 34.11 -0.42
C GLY B 73 0.35 35.38 -0.85
N VAL B 74 0.95 36.09 -1.81
CA VAL B 74 0.47 37.42 -2.19
C VAL B 74 -0.88 37.43 -2.91
N GLY B 75 -1.32 36.29 -3.43
CA GLY B 75 -2.60 36.25 -4.15
C GLY B 75 -2.45 36.50 -5.63
N LEU B 76 -3.54 36.36 -6.37
CA LEU B 76 -3.51 36.37 -7.85
C LEU B 76 -3.04 37.72 -8.42
N ASP B 77 -3.70 38.80 -8.01
CA ASP B 77 -3.44 40.12 -8.63
C ASP B 77 -1.99 40.53 -8.46
N GLU B 78 -1.53 40.50 -7.21
CA GLU B 78 -0.13 40.85 -6.90
C GLU B 78 0.84 39.83 -7.46
N GLY B 79 0.42 38.56 -7.54
CA GLY B 79 1.27 37.51 -8.10
C GLY B 79 1.61 37.66 -9.58
N LEU B 80 0.60 37.99 -10.40
CA LEU B 80 0.79 38.23 -11.83
C LEU B 80 1.68 39.45 -12.07
N LYS B 81 1.52 40.47 -11.21
CA LYS B 81 2.40 41.66 -11.26
C LYS B 81 3.85 41.24 -11.07
N ILE B 82 4.10 40.39 -10.05
CA ILE B 82 5.47 39.88 -9.78
C ILE B 82 6.02 39.06 -10.97
N PHE B 83 5.21 38.17 -11.53
CA PHE B 83 5.64 37.35 -12.66
C PHE B 83 6.00 38.23 -13.87
N ALA B 84 5.21 39.27 -14.13
CA ALA B 84 5.48 40.22 -15.21
C ALA B 84 6.87 40.88 -15.09
N GLU B 85 7.27 41.26 -13.88
CA GLU B 85 8.60 41.84 -13.64
C GLU B 85 9.71 40.77 -13.74
N VAL B 86 9.44 39.53 -13.31
CA VAL B 86 10.38 38.42 -13.50
C VAL B 86 10.66 38.20 -14.99
N LYS B 87 9.61 38.16 -15.81
CA LYS B 87 9.76 37.95 -17.25
C LYS B 87 10.57 39.09 -17.89
N ALA B 88 10.23 40.32 -17.48
CA ALA B 88 10.85 41.51 -18.03
C ALA B 88 12.31 41.60 -17.63
N ARG B 89 12.61 41.30 -16.36
CA ARG B 89 14.00 41.40 -15.87
C ARG B 89 14.90 40.28 -16.44
N PHE B 90 14.39 39.06 -16.56
CA PHE B 90 15.23 37.89 -16.91
C PHE B 90 14.94 37.24 -18.26
N GLY B 91 13.81 37.55 -18.90
CA GLY B 91 13.47 36.90 -20.19
C GLY B 91 13.33 35.39 -20.03
N VAL B 92 12.72 34.96 -18.93
CA VAL B 92 12.59 33.52 -18.57
C VAL B 92 11.09 33.20 -18.66
N PRO B 93 10.72 32.03 -19.23
CA PRO B 93 9.31 31.63 -19.12
C PRO B 93 8.90 31.27 -17.68
N VAL B 94 7.61 31.33 -17.37
CA VAL B 94 7.16 31.04 -16.02
C VAL B 94 6.02 30.01 -16.00
N ILE B 95 5.97 29.20 -14.93
CA ILE B 95 4.90 28.25 -14.67
C ILE B 95 4.28 28.52 -13.29
N THR B 96 2.96 28.50 -13.19
CA THR B 96 2.26 28.63 -11.92
C THR B 96 1.02 27.74 -11.97
N ASP B 97 0.51 27.39 -10.79
CA ASP B 97 -0.67 26.52 -10.70
C ASP B 97 -1.97 27.35 -10.57
N VAL B 98 -3.06 26.80 -11.10
CA VAL B 98 -4.36 27.47 -11.20
C VAL B 98 -5.37 26.62 -10.43
N HIS B 99 -6.13 27.24 -9.53
CA HIS B 99 -6.97 26.53 -8.56
C HIS B 99 -8.45 26.64 -8.82
N GLU B 100 -8.85 27.66 -9.59
CA GLU B 100 -10.24 27.92 -9.93
C GLU B 100 -10.33 28.21 -11.43
N ALA B 101 -11.41 27.77 -12.06
CA ALA B 101 -11.61 27.95 -13.50
C ALA B 101 -11.38 29.39 -13.95
N GLU B 102 -11.95 30.35 -13.23
CA GLU B 102 -11.88 31.77 -13.60
C GLU B 102 -10.46 32.37 -13.56
N GLN B 103 -9.54 31.76 -12.82
CA GLN B 103 -8.16 32.24 -12.80
C GLN B 103 -7.40 31.91 -14.11
N ALA B 104 -7.85 30.92 -14.88
CA ALA B 104 -7.03 30.41 -16.00
C ALA B 104 -6.68 31.47 -17.06
N ALA B 105 -7.69 32.19 -17.55
CA ALA B 105 -7.47 33.22 -18.60
C ALA B 105 -6.52 34.36 -18.15
N PRO B 106 -6.83 35.05 -17.03
CA PRO B 106 -5.88 36.09 -16.58
C PRO B 106 -4.47 35.55 -16.27
N VAL B 107 -4.37 34.35 -15.72
CA VAL B 107 -3.05 33.74 -15.52
C VAL B 107 -2.33 33.50 -16.84
N ALA B 108 -3.08 33.02 -17.85
CA ALA B 108 -2.58 32.78 -19.20
C ALA B 108 -2.05 34.02 -19.94
N GLU B 109 -2.54 35.21 -19.57
CA GLU B 109 -2.02 36.45 -20.15
C GLU B 109 -0.51 36.60 -19.87
N ILE B 110 -0.05 36.03 -18.75
CA ILE B 110 1.29 36.28 -18.25
C ILE B 110 2.14 35.00 -18.23
N ALA B 111 1.58 33.94 -17.64
CA ALA B 111 2.31 32.67 -17.52
C ALA B 111 2.47 31.96 -18.86
N ASP B 112 3.55 31.18 -18.95
CA ASP B 112 3.91 30.43 -20.14
C ASP B 112 3.51 28.95 -20.09
N VAL B 113 3.36 28.40 -18.88
CA VAL B 113 2.79 27.08 -18.64
C VAL B 113 1.79 27.16 -17.47
N LEU B 114 0.60 26.57 -17.61
CA LEU B 114 -0.37 26.47 -16.52
C LEU B 114 -0.34 25.06 -15.94
N GLN B 115 -0.39 24.99 -14.62
CA GLN B 115 -0.34 23.72 -13.89
C GLN B 115 -1.68 23.41 -13.22
N VAL B 116 -2.11 22.16 -13.36
CA VAL B 116 -3.27 21.63 -12.71
C VAL B 116 -2.79 21.03 -11.37
N PRO B 117 -3.30 21.53 -10.24
CA PRO B 117 -2.89 20.93 -8.97
C PRO B 117 -3.31 19.45 -8.88
N ALA B 118 -2.50 18.68 -8.17
CA ALA B 118 -2.66 17.22 -8.04
C ALA B 118 -4.05 16.78 -7.59
N PHE B 119 -4.53 17.34 -6.48
CA PHE B 119 -5.85 17.00 -5.93
C PHE B 119 -7.00 17.35 -6.87
N LEU B 120 -6.76 18.24 -7.83
CA LEU B 120 -7.82 18.79 -8.66
C LEU B 120 -7.81 18.26 -10.10
N ALA B 121 -6.95 17.27 -10.38
CA ALA B 121 -6.73 16.80 -11.76
C ALA B 121 -7.92 16.09 -12.42
N ARG B 122 -8.89 15.62 -11.63
CA ARG B 122 -10.09 14.98 -12.18
C ARG B 122 -11.30 15.95 -12.36
N GLN B 123 -11.14 17.19 -11.94
CA GLN B 123 -12.22 18.16 -11.95
C GLN B 123 -12.34 18.75 -13.36
N THR B 124 -13.42 18.36 -14.06
CA THR B 124 -13.61 18.63 -15.48
C THR B 124 -13.57 20.12 -15.86
N ASP B 125 -14.31 20.96 -15.15
CA ASP B 125 -14.42 22.39 -15.49
C ASP B 125 -13.12 23.18 -15.26
N LEU B 126 -12.39 22.83 -14.21
CA LEU B 126 -11.07 23.41 -13.96
C LEU B 126 -10.10 23.07 -15.12
N VAL B 127 -10.00 21.79 -15.42
CA VAL B 127 -9.07 21.31 -16.47
C VAL B 127 -9.40 21.87 -17.84
N VAL B 128 -10.70 21.91 -18.16
CA VAL B 128 -11.18 22.49 -19.43
C VAL B 128 -10.87 23.97 -19.51
N ALA B 129 -11.14 24.70 -18.44
CA ALA B 129 -10.79 26.12 -18.40
C ALA B 129 -9.27 26.31 -18.57
N ILE B 130 -8.48 25.47 -17.94
CA ILE B 130 -7.02 25.60 -18.07
C ILE B 130 -6.58 25.27 -19.52
N ALA B 131 -7.07 24.14 -20.06
CA ALA B 131 -6.78 23.71 -21.44
C ALA B 131 -7.20 24.75 -22.47
N LYS B 132 -8.37 25.38 -22.27
CA LYS B 132 -8.88 26.38 -23.21
C LYS B 132 -8.06 27.67 -23.23
N ALA B 133 -7.26 27.94 -22.19
CA ALA B 133 -6.50 29.21 -22.15
C ALA B 133 -5.34 29.21 -23.15
N GLY B 134 -4.99 28.05 -23.69
CA GLY B 134 -4.11 28.00 -24.86
C GLY B 134 -2.61 27.95 -24.60
N LYS B 135 -2.19 27.79 -23.36
CA LYS B 135 -0.78 27.55 -23.06
C LYS B 135 -0.55 26.04 -22.81
N PRO B 136 0.73 25.60 -22.85
CA PRO B 136 1.02 24.24 -22.42
C PRO B 136 0.54 23.99 -20.98
N VAL B 137 0.14 22.77 -20.69
CA VAL B 137 -0.42 22.38 -19.40
C VAL B 137 0.46 21.34 -18.76
N ASN B 138 0.79 21.55 -17.49
CA ASN B 138 1.46 20.53 -16.70
C ASN B 138 0.45 19.91 -15.71
N VAL B 139 0.19 18.62 -15.85
CA VAL B 139 -0.72 17.91 -14.94
C VAL B 139 0.07 17.17 -13.86
N LYS B 140 -0.09 17.61 -12.61
CA LYS B 140 0.45 16.86 -11.47
C LYS B 140 -0.38 15.57 -11.32
N LYS B 141 0.28 14.41 -11.41
CA LYS B 141 -0.38 13.13 -11.16
C LYS B 141 -0.82 13.06 -9.70
N PRO B 142 -2.12 12.88 -9.46
CA PRO B 142 -2.57 12.76 -8.06
C PRO B 142 -1.95 11.53 -7.35
N GLN B 143 -1.67 11.69 -6.06
CA GLN B 143 -1.22 10.60 -5.17
C GLN B 143 -2.05 9.31 -5.33
N PHE B 144 -3.34 9.52 -5.55
CA PHE B 144 -4.35 8.46 -5.62
C PHE B 144 -4.53 7.88 -7.03
N MET B 145 -3.86 8.41 -8.04
CA MET B 145 -4.09 7.98 -9.44
C MET B 145 -3.00 7.05 -10.00
N SER B 146 -3.38 5.96 -10.64
CA SER B 146 -2.38 5.11 -11.30
C SER B 146 -1.84 5.77 -12.58
N PRO B 147 -0.60 5.41 -12.98
CA PRO B 147 0.04 6.09 -14.10
C PRO B 147 -0.64 5.82 -15.45
N THR B 148 -1.42 4.75 -15.53
CA THR B 148 -2.17 4.44 -16.75
C THR B 148 -3.53 5.16 -16.81
N GLN B 149 -3.90 5.92 -15.78
CA GLN B 149 -5.20 6.62 -15.80
C GLN B 149 -5.11 8.12 -16.13
N LEU B 150 -3.89 8.64 -16.18
CA LEU B 150 -3.65 10.02 -16.57
C LEU B 150 -4.16 10.32 -17.96
N LYS B 151 -4.24 9.30 -18.81
CA LYS B 151 -4.69 9.48 -20.19
C LYS B 151 -6.05 10.19 -20.27
N HIS B 152 -6.93 9.97 -19.28
CA HIS B 152 -8.23 10.62 -19.31
C HIS B 152 -8.13 12.09 -19.10
N VAL B 153 -7.19 12.54 -18.26
CA VAL B 153 -6.98 13.97 -18.09
C VAL B 153 -6.47 14.59 -19.39
N VAL B 154 -5.49 13.94 -20.03
CA VAL B 154 -4.94 14.40 -21.31
C VAL B 154 -6.02 14.47 -22.44
N SER B 155 -6.90 13.48 -22.51
CA SER B 155 -8.03 13.52 -23.47
C SER B 155 -8.98 14.69 -23.25
N LYS B 156 -9.28 14.97 -21.99
CA LYS B 156 -10.11 16.12 -21.67
C LYS B 156 -9.48 17.37 -22.28
N CYS B 157 -8.16 17.50 -22.14
CA CYS B 157 -7.45 18.66 -22.68
C CYS B 157 -7.55 18.72 -24.21
N GLY B 158 -7.35 17.58 -24.86
CA GLY B 158 -7.50 17.46 -26.32
C GLY B 158 -8.91 17.70 -26.85
N GLU B 159 -9.92 17.24 -26.11
CA GLU B 159 -11.30 17.47 -26.50
C GLU B 159 -11.60 18.96 -26.67
N VAL B 160 -10.88 19.86 -25.99
CA VAL B 160 -11.12 21.30 -26.15
C VAL B 160 -9.98 22.02 -26.87
N GLY B 161 -9.14 21.28 -27.59
CA GLY B 161 -8.13 21.88 -28.49
C GLY B 161 -6.70 22.04 -27.97
N ASN B 162 -6.39 21.46 -26.81
CA ASN B 162 -5.02 21.55 -26.30
C ASN B 162 -4.32 20.20 -26.37
N ASP B 163 -3.33 20.13 -27.26
CA ASP B 163 -2.47 18.97 -27.45
C ASP B 163 -1.06 19.25 -26.91
N ARG B 164 -0.93 20.20 -26.00
CA ARG B 164 0.37 20.50 -25.42
C ARG B 164 0.37 20.21 -23.92
N VAL B 165 0.39 18.92 -23.58
CA VAL B 165 0.21 18.49 -22.21
C VAL B 165 1.42 17.71 -21.73
N MET B 166 1.88 18.04 -20.53
CA MET B 166 3.01 17.38 -19.86
C MET B 166 2.48 16.75 -18.57
N LEU B 167 3.16 15.72 -18.10
CA LEU B 167 2.69 14.92 -16.97
C LEU B 167 3.76 14.84 -15.88
N CYS B 168 3.39 15.12 -14.63
CA CYS B 168 4.35 15.38 -13.56
C CYS B 168 4.13 14.43 -12.38
N GLU B 169 5.11 13.53 -12.19
CA GLU B 169 5.13 12.56 -11.06
C GLU B 169 5.42 13.28 -9.76
N ARG B 170 4.63 12.99 -8.72
CA ARG B 170 4.89 13.55 -7.40
C ARG B 170 4.67 12.54 -6.26
N GLY B 171 4.73 11.26 -6.58
CA GLY B 171 4.56 10.22 -5.58
C GLY B 171 3.17 9.61 -5.53
N SER B 172 3.11 8.39 -5.02
CA SER B 172 1.87 7.62 -4.90
C SER B 172 1.68 7.25 -3.44
N SER B 173 0.40 7.20 -3.01
CA SER B 173 0.06 6.83 -1.65
C SER B 173 0.60 5.45 -1.30
N PHE B 174 1.24 5.38 -0.13
CA PHE B 174 1.85 4.15 0.31
C PHE B 174 1.61 4.05 1.79
N GLY B 175 0.48 3.42 2.14
CA GLY B 175 -0.05 3.42 3.50
C GLY B 175 -0.39 4.83 3.92
N TYR B 176 -0.55 5.07 5.21
CA TYR B 176 -0.94 6.39 5.69
C TYR B 176 0.24 7.38 5.74
N ASP B 177 0.04 8.60 5.28
CA ASP B 177 1.01 9.69 5.49
C ASP B 177 2.39 9.38 4.90
N ASN B 178 2.41 8.71 3.77
CA ASN B 178 3.68 8.41 3.15
C ASN B 178 3.48 8.26 1.65
N LEU B 179 4.51 8.64 0.89
CA LEU B 179 4.53 8.50 -0.57
C LEU B 179 5.72 7.62 -0.99
N VAL B 180 5.54 6.89 -2.09
CA VAL B 180 6.61 6.18 -2.75
C VAL B 180 6.60 6.64 -4.21
N VAL B 181 7.77 6.74 -4.82
CA VAL B 181 7.85 6.96 -6.27
C VAL B 181 8.10 5.65 -7.00
N ASP B 182 7.13 5.26 -7.82
CA ASP B 182 7.26 4.06 -8.64
C ASP B 182 7.97 4.44 -9.94
N MET B 183 9.25 4.09 -10.05
CA MET B 183 10.02 4.48 -11.25
C MET B 183 9.55 3.80 -12.55
N LEU B 184 8.75 2.73 -12.45
CA LEU B 184 8.12 2.09 -13.63
C LEU B 184 6.98 2.90 -14.25
N GLY B 185 6.46 3.88 -13.50
CA GLY B 185 5.30 4.66 -13.93
C GLY B 185 5.59 5.75 -14.96
N PHE B 186 6.85 6.17 -15.07
CA PHE B 186 7.27 7.17 -16.06
C PHE B 186 6.93 6.69 -17.49
N ARG B 187 7.37 5.48 -17.81
CA ARG B 187 7.09 4.88 -19.12
C ARG B 187 5.60 4.63 -19.34
N GLN B 188 4.90 4.21 -18.30
CA GLN B 188 3.46 4.00 -18.41
C GLN B 188 2.76 5.29 -18.76
N MET B 189 3.13 6.36 -18.09
CA MET B 189 2.53 7.69 -18.35
C MET B 189 2.74 8.11 -19.81
N ALA B 190 4.00 8.01 -20.26
CA ALA B 190 4.38 8.38 -21.62
C ALA B 190 3.68 7.52 -22.65
N GLU B 191 3.72 6.20 -22.50
CA GLU B 191 3.23 5.27 -23.54
C GLU B 191 1.72 5.25 -23.65
N THR B 192 1.01 5.38 -22.55
CA THR B 192 -0.45 5.34 -22.63
C THR B 192 -1.07 6.67 -23.07
N THR B 193 -0.27 7.72 -23.21
CA THR B 193 -0.76 9.05 -23.62
C THR B 193 -0.24 9.52 -24.98
N GLY B 194 0.26 8.62 -25.81
CA GLY B 194 0.85 8.99 -27.09
C GLY B 194 2.21 9.69 -27.00
N GLY B 195 2.89 9.58 -25.86
CA GLY B 195 4.27 10.12 -25.71
C GLY B 195 4.38 11.52 -25.08
N CYS B 196 3.41 11.91 -24.25
CA CYS B 196 3.50 13.18 -23.52
C CYS B 196 4.85 13.26 -22.79
N PRO B 197 5.43 14.47 -22.73
CA PRO B 197 6.60 14.65 -21.87
C PRO B 197 6.30 14.35 -20.39
N VAL B 198 7.19 13.61 -19.75
CA VAL B 198 7.03 13.29 -18.34
C VAL B 198 8.07 14.02 -17.54
N ILE B 199 7.63 14.54 -16.40
CA ILE B 199 8.40 15.40 -15.55
C ILE B 199 8.36 14.79 -14.15
N PHE B 200 9.46 14.96 -13.41
CA PHE B 200 9.54 14.45 -12.06
C PHE B 200 9.65 15.56 -11.02
N ASP B 201 8.61 15.67 -10.18
CA ASP B 201 8.59 16.61 -9.05
C ASP B 201 9.26 15.95 -7.85
N VAL B 202 10.56 16.22 -7.70
CA VAL B 202 11.32 15.65 -6.56
C VAL B 202 10.96 16.28 -5.20
N THR B 203 10.59 17.56 -5.20
CA THR B 203 10.24 18.23 -3.94
C THR B 203 8.99 17.66 -3.24
N HIS B 204 7.86 17.58 -3.94
CA HIS B 204 6.63 17.10 -3.33
C HIS B 204 6.54 15.61 -3.18
N SER B 205 7.38 14.88 -3.92
CA SER B 205 7.57 13.41 -3.75
C SER B 205 8.24 13.03 -2.41
N LEU B 206 8.91 14.02 -1.82
CA LEU B 206 9.65 13.89 -0.57
C LEU B 206 8.80 14.34 0.63
N GLN B 207 7.49 14.51 0.43
CA GLN B 207 6.52 14.65 1.52
C GLN B 207 6.26 13.24 2.06
N CYS B 208 7.36 12.59 2.45
CA CYS B 208 7.39 11.18 2.87
C CYS B 208 7.90 11.10 4.31
N ARG B 209 7.91 9.90 4.88
CA ARG B 209 8.53 9.70 6.21
C ARG B 209 10.05 9.67 6.04
N ASP B 210 10.76 10.04 7.10
CA ASP B 210 12.22 10.07 7.11
C ASP B 210 12.71 9.70 8.51
N PRO B 211 12.66 8.39 8.87
CA PRO B 211 12.99 7.99 10.23
C PRO B 211 14.46 8.18 10.57
N ARG B 221 17.03 15.79 2.62
CA ARG B 221 18.31 15.13 2.87
C ARG B 221 18.50 14.00 1.84
N GLN B 222 17.38 13.45 1.39
CA GLN B 222 17.32 12.34 0.41
C GLN B 222 16.98 12.80 -1.03
N VAL B 223 16.94 14.10 -1.26
CA VAL B 223 16.62 14.66 -2.57
C VAL B 223 17.61 14.14 -3.64
N LEU B 224 18.88 14.00 -3.26
CA LEU B 224 19.86 13.58 -4.24
C LEU B 224 19.63 12.14 -4.77
N ASP B 225 19.52 11.17 -3.85
CA ASP B 225 19.19 9.79 -4.19
C ASP B 225 17.99 9.74 -5.18
N LEU B 226 16.94 10.45 -4.83
CA LEU B 226 15.72 10.35 -5.59
C LEU B 226 15.80 11.04 -6.96
N ALA B 227 16.43 12.22 -7.01
CA ALA B 227 16.61 12.94 -8.27
C ALA B 227 17.50 12.16 -9.24
N ARG B 228 18.58 11.57 -8.73
CA ARG B 228 19.44 10.72 -9.54
C ARG B 228 18.70 9.54 -10.12
N ALA B 229 17.88 8.90 -9.29
CA ALA B 229 17.14 7.71 -9.75
C ALA B 229 16.17 8.10 -10.85
N GLY B 230 15.43 9.18 -10.65
CA GLY B 230 14.42 9.61 -11.60
C GLY B 230 15.00 10.09 -12.93
N ILE B 231 16.03 10.93 -12.86
CA ILE B 231 16.65 11.44 -14.09
C ILE B 231 17.33 10.34 -14.89
N ALA B 232 17.84 9.33 -14.20
CA ALA B 232 18.48 8.19 -14.88
C ALA B 232 17.51 7.41 -15.75
N VAL B 233 16.24 7.35 -15.38
CA VAL B 233 15.25 6.64 -16.21
C VAL B 233 15.22 7.17 -17.64
N GLY B 234 15.40 8.49 -17.79
CA GLY B 234 15.35 9.14 -19.10
C GLY B 234 14.01 9.84 -19.20
N ILE B 235 13.95 11.12 -18.81
CA ILE B 235 12.69 11.85 -18.76
C ILE B 235 12.86 13.29 -19.27
N ALA B 236 11.73 13.97 -19.44
CA ALA B 236 11.66 15.30 -20.08
C ALA B 236 12.06 16.46 -19.16
N GLY B 237 11.84 16.33 -17.87
CA GLY B 237 12.15 17.45 -16.96
C GLY B 237 12.12 17.08 -15.49
N LEU B 238 12.70 17.98 -14.71
CA LEU B 238 12.78 17.93 -13.27
C LEU B 238 12.02 19.14 -12.73
N PHE B 239 11.20 18.91 -11.73
CA PHE B 239 10.46 19.97 -11.03
C PHE B 239 11.05 20.08 -9.63
N LEU B 240 11.46 21.28 -9.25
CA LEU B 240 12.20 21.52 -8.03
C LEU B 240 11.85 22.87 -7.38
N GLU B 241 11.79 22.87 -6.06
CA GLU B 241 11.65 24.12 -5.29
C GLU B 241 12.85 24.27 -4.40
N ALA B 242 13.28 25.52 -4.22
CA ALA B 242 14.44 25.81 -3.39
C ALA B 242 14.20 27.06 -2.56
N HIS B 243 15.01 27.21 -1.51
CA HIS B 243 14.93 28.35 -0.62
C HIS B 243 16.26 28.51 0.09
N PRO B 244 16.70 29.76 0.33
CA PRO B 244 18.01 30.00 1.00
C PRO B 244 18.14 29.33 2.37
N ASP B 245 17.06 29.31 3.11
CA ASP B 245 17.01 28.67 4.40
C ASP B 245 15.65 28.00 4.57
N PRO B 246 15.50 26.80 3.99
CA PRO B 246 14.18 26.13 3.88
C PRO B 246 13.35 26.08 5.18
N ASP B 247 14.01 25.88 6.31
CA ASP B 247 13.28 25.75 7.60
C ASP B 247 12.53 27.03 7.99
N ARG B 248 13.07 28.18 7.60
CA ARG B 248 12.45 29.48 7.82
C ARG B 248 11.57 29.89 6.64
N ALA B 249 11.16 28.91 5.82
CA ALA B 249 10.30 29.16 4.66
C ALA B 249 8.83 29.18 5.09
N ARG B 250 7.98 29.84 4.30
CA ARG B 250 6.56 30.04 4.64
C ARG B 250 5.67 28.78 4.53
N CYS B 251 5.85 27.96 3.51
CA CYS B 251 4.98 26.80 3.34
C CYS B 251 5.66 25.68 2.55
N SER B 255 10.37 20.99 2.80
CA SER B 255 10.70 20.12 1.66
C SER B 255 11.71 20.76 0.68
N ALA B 256 11.83 22.09 0.67
CA ALA B 256 12.61 22.77 -0.37
C ALA B 256 14.12 22.52 -0.25
N LEU B 257 14.78 22.41 -1.41
CA LEU B 257 16.26 22.32 -1.46
C LEU B 257 16.90 23.61 -0.96
N PRO B 258 17.92 23.52 -0.10
CA PRO B 258 18.75 24.66 0.24
C PRO B 258 19.40 25.26 -1.02
N LEU B 259 19.15 26.55 -1.25
CA LEU B 259 19.51 27.18 -2.52
C LEU B 259 21.00 27.05 -2.84
N HIS B 260 21.84 27.11 -1.81
CA HIS B 260 23.27 26.99 -2.01
C HIS B 260 23.68 25.66 -2.60
N GLN B 261 22.82 24.64 -2.53
CA GLN B 261 23.11 23.32 -3.12
C GLN B 261 22.65 23.16 -4.59
N LEU B 262 22.03 24.19 -5.16
CA LEU B 262 21.43 24.08 -6.48
C LEU B 262 22.45 23.66 -7.53
N GLU B 263 23.57 24.37 -7.62
CA GLU B 263 24.60 24.05 -8.62
C GLU B 263 25.15 22.63 -8.44
N GLY B 264 25.40 22.23 -7.20
CA GLY B 264 25.82 20.86 -6.91
C GLY B 264 24.82 19.83 -7.42
N LEU B 265 23.54 20.04 -7.12
CA LEU B 265 22.51 19.09 -7.54
C LEU B 265 22.44 19.09 -9.06
N LEU B 266 22.26 20.26 -9.67
CA LEU B 266 22.04 20.32 -11.12
C LEU B 266 23.23 19.80 -11.96
N SER B 267 24.47 19.93 -11.48
CA SER B 267 25.62 19.38 -12.25
C SER B 267 25.55 17.84 -12.30
N GLN B 268 25.08 17.21 -11.23
CA GLN B 268 24.89 15.76 -11.24
C GLN B 268 23.74 15.37 -12.15
N MET B 269 22.65 16.15 -12.12
CA MET B 269 21.49 15.91 -12.97
C MET B 269 21.87 16.01 -14.46
N LYS B 270 22.68 17.01 -14.80
CA LYS B 270 23.05 17.21 -16.20
C LYS B 270 23.95 16.10 -16.69
N ALA B 271 24.92 15.70 -15.87
CA ALA B 271 25.86 14.64 -16.27
C ALA B 271 25.16 13.27 -16.46
N ILE B 272 24.21 12.96 -15.58
CA ILE B 272 23.44 11.73 -15.70
C ILE B 272 22.54 11.80 -16.94
N ASP B 273 21.77 12.88 -17.06
CA ASP B 273 20.86 13.08 -18.21
C ASP B 273 21.59 13.02 -19.56
N ASP B 274 22.72 13.70 -19.67
CA ASP B 274 23.50 13.71 -20.91
C ASP B 274 23.93 12.29 -21.27
N LEU B 275 24.31 11.50 -20.27
CA LEU B 275 24.72 10.10 -20.48
C LEU B 275 23.55 9.21 -20.96
N VAL B 276 22.45 9.17 -20.21
CA VAL B 276 21.33 8.29 -20.56
C VAL B 276 20.62 8.70 -21.87
N LYS B 277 20.58 10.01 -22.15
CA LYS B 277 20.00 10.50 -23.40
C LYS B 277 20.79 10.16 -24.66
N ARG B 278 22.02 9.67 -24.52
CA ARG B 278 22.78 9.20 -25.69
C ARG B 278 23.00 7.66 -25.69
N MET B 279 22.37 6.92 -24.78
CA MET B 279 22.36 5.45 -24.79
C MET B 279 20.98 4.97 -25.21
N PRO B 280 20.90 3.88 -25.97
CA PRO B 280 19.59 3.51 -26.50
C PRO B 280 18.64 2.81 -25.52
N ALA B 281 17.34 2.98 -25.78
CA ALA B 281 16.35 2.11 -25.18
C ALA B 281 16.69 0.72 -25.71
N LEU B 282 16.50 -0.29 -24.89
CA LEU B 282 16.56 -1.65 -25.40
C LEU B 282 15.14 -2.06 -25.68
N GLU B 283 14.93 -2.71 -26.81
CA GLU B 283 13.64 -3.27 -27.14
C GLU B 283 13.64 -4.68 -26.54
N ILE B 284 13.07 -4.79 -25.35
CA ILE B 284 12.96 -6.08 -24.65
C ILE B 284 11.53 -6.57 -24.86
N ARG B 285 11.41 -7.66 -25.62
CA ARG B 285 10.14 -8.34 -25.81
C ARG B 285 9.91 -9.28 -24.63
N SER C 4 -19.60 -24.81 1.22
CA SER C 4 -19.26 -24.63 2.66
C SER C 4 -18.83 -25.96 3.28
N MET C 5 -17.53 -26.13 3.49
CA MET C 5 -16.94 -27.34 4.08
C MET C 5 -16.78 -27.21 5.61
N ASN C 6 -16.97 -28.31 6.33
CA ASN C 6 -16.91 -28.33 7.81
C ASN C 6 -15.74 -29.18 8.21
N VAL C 7 -14.88 -28.65 9.09
CA VAL C 7 -13.69 -29.34 9.49
C VAL C 7 -13.81 -29.87 10.92
N ALA C 8 -13.77 -31.20 11.06
CA ALA C 8 -13.87 -31.88 12.35
C ALA C 8 -12.54 -31.82 13.12
N ILE C 9 -12.58 -31.21 14.29
CA ILE C 9 -11.38 -31.00 15.11
C ILE C 9 -11.32 -32.02 16.24
N SER C 10 -12.38 -32.14 17.02
CA SER C 10 -12.45 -33.13 18.11
C SER C 10 -13.94 -33.30 18.45
N PRO C 11 -14.28 -34.26 19.32
CA PRO C 11 -15.73 -34.47 19.56
C PRO C 11 -16.48 -33.19 20.00
N GLY C 12 -17.51 -32.83 19.25
CA GLY C 12 -18.27 -31.62 19.51
C GLY C 12 -17.63 -30.34 19.00
N VAL C 13 -16.41 -30.39 18.46
CA VAL C 13 -15.77 -29.20 17.89
C VAL C 13 -15.55 -29.35 16.38
N THR C 14 -16.36 -28.63 15.61
CA THR C 14 -16.32 -28.61 14.15
C THR C 14 -16.36 -27.16 13.66
N ALA C 15 -15.40 -26.75 12.83
CA ALA C 15 -15.40 -25.39 12.27
C ALA C 15 -16.02 -25.31 10.86
N GLY C 16 -16.90 -24.36 10.63
CA GLY C 16 -17.54 -24.22 9.31
C GLY C 16 -18.11 -22.85 9.17
N ASN C 17 -18.10 -22.29 7.96
CA ASN C 17 -18.52 -20.89 7.77
C ASN C 17 -20.01 -20.66 8.07
N SER C 18 -20.82 -21.71 8.04
CA SER C 18 -22.25 -21.56 8.35
C SER C 18 -22.56 -21.97 9.80
N LEU C 19 -21.55 -22.46 10.52
CA LEU C 19 -21.76 -23.00 11.87
C LEU C 19 -21.50 -21.95 12.94
N PRO C 20 -21.95 -22.22 14.21
CA PRO C 20 -21.53 -21.34 15.30
C PRO C 20 -20.01 -21.22 15.34
N PHE C 21 -19.50 -20.02 15.58
CA PHE C 21 -18.04 -19.77 15.53
C PHE C 21 -17.30 -20.59 16.59
N VAL C 22 -16.11 -21.06 16.21
CA VAL C 22 -15.20 -21.74 17.11
C VAL C 22 -14.13 -20.75 17.59
N LEU C 23 -13.87 -20.70 18.89
CA LEU C 23 -12.81 -19.87 19.44
C LEU C 23 -11.50 -20.65 19.49
N PHE C 24 -10.51 -20.13 18.74
CA PHE C 24 -9.13 -20.61 18.84
C PHE C 24 -8.46 -19.58 19.70
N GLY C 25 -8.42 -19.82 20.99
CA GLY C 25 -8.01 -18.79 21.94
C GLY C 25 -6.97 -19.24 22.95
N GLY C 26 -6.11 -18.32 23.33
CA GLY C 26 -5.10 -18.61 24.34
C GLY C 26 -4.11 -17.49 24.53
N ILE C 27 -2.84 -17.83 24.32
CA ILE C 27 -1.74 -16.90 24.63
C ILE C 27 -0.72 -16.95 23.51
N ASN C 28 0.14 -15.95 23.45
CA ASN C 28 1.08 -15.89 22.36
C ASN C 28 2.13 -16.96 22.44
N VAL C 29 2.72 -17.12 23.63
CA VAL C 29 3.91 -17.93 23.78
C VAL C 29 3.89 -18.68 25.12
N LEU C 30 4.27 -19.96 25.09
CA LEU C 30 4.41 -20.77 26.31
C LEU C 30 5.60 -20.27 27.13
N GLU C 31 5.34 -19.96 28.40
CA GLU C 31 6.37 -19.49 29.35
C GLU C 31 6.62 -20.46 30.49
N SER C 32 5.53 -20.99 31.04
CA SER C 32 5.58 -21.94 32.15
C SER C 32 4.35 -22.84 32.12
N LEU C 33 4.44 -24.00 32.79
CA LEU C 33 3.26 -24.86 32.98
C LEU C 33 2.11 -24.15 33.72
N ASP C 34 2.39 -23.58 34.90
CA ASP C 34 1.33 -23.03 35.77
C ASP C 34 0.62 -21.81 35.15
N PHE C 35 1.37 -20.96 34.48
CA PHE C 35 0.77 -19.84 33.76
C PHE C 35 -0.13 -20.28 32.60
N THR C 36 0.31 -21.29 31.85
CA THR C 36 -0.52 -21.82 30.76
C THR C 36 -1.80 -22.45 31.30
N LEU C 37 -1.67 -23.26 32.37
CA LEU C 37 -2.85 -23.90 32.97
C LEU C 37 -3.83 -22.85 33.49
N ASP C 38 -3.31 -21.83 34.16
CA ASP C 38 -4.16 -20.78 34.76
C ASP C 38 -4.92 -19.98 33.69
N VAL C 39 -4.23 -19.59 32.63
CA VAL C 39 -4.86 -18.79 31.57
C VAL C 39 -5.86 -19.65 30.78
N CYS C 40 -5.47 -20.86 30.43
CA CYS C 40 -6.39 -21.79 29.79
C CYS C 40 -7.61 -22.04 30.67
N GLY C 41 -7.39 -22.14 31.98
CA GLY C 41 -8.50 -22.36 32.94
C GLY C 41 -9.55 -21.29 32.87
N GLU C 42 -9.10 -20.04 32.76
CA GLU C 42 -9.99 -18.92 32.54
C GLU C 42 -10.77 -18.97 31.19
N TYR C 43 -10.08 -19.28 30.08
CA TYR C 43 -10.76 -19.49 28.78
C TYR C 43 -11.79 -20.63 28.87
N VAL C 44 -11.43 -21.73 29.54
CA VAL C 44 -12.34 -22.86 29.69
C VAL C 44 -13.61 -22.42 30.45
N ALA C 45 -13.43 -21.67 31.55
CA ALA C 45 -14.56 -21.23 32.37
C ALA C 45 -15.51 -20.35 31.55
N VAL C 46 -14.96 -19.36 30.85
CA VAL C 46 -15.79 -18.42 30.12
C VAL C 46 -16.50 -19.11 28.93
N THR C 47 -15.76 -19.95 28.18
CA THR C 47 -16.34 -20.59 26.98
C THR C 47 -17.40 -21.63 27.39
N ARG C 48 -17.17 -22.33 28.49
CA ARG C 48 -18.20 -23.24 29.00
C ARG C 48 -19.47 -22.49 29.47
N LYS C 49 -19.27 -21.37 30.17
CA LYS C 49 -20.40 -20.51 30.58
C LYS C 49 -21.28 -20.04 29.42
N LEU C 50 -20.66 -19.69 28.29
CA LEU C 50 -21.35 -19.10 27.15
C LEU C 50 -21.69 -20.11 26.05
N GLY C 51 -21.30 -21.37 26.24
CA GLY C 51 -21.52 -22.36 25.21
C GLY C 51 -20.82 -22.06 23.89
N ILE C 52 -19.57 -21.58 23.96
CA ILE C 52 -18.75 -21.36 22.77
C ILE C 52 -17.75 -22.53 22.62
N PRO C 53 -17.72 -23.22 21.44
CA PRO C 53 -16.72 -24.27 21.26
C PRO C 53 -15.32 -23.67 21.30
N PHE C 54 -14.38 -24.40 21.88
CA PHE C 54 -13.08 -23.83 22.24
C PHE C 54 -11.90 -24.74 21.93
N VAL C 55 -10.87 -24.15 21.31
CA VAL C 55 -9.55 -24.78 21.06
C VAL C 55 -8.46 -23.86 21.66
N PHE C 56 -7.66 -24.39 22.57
CA PHE C 56 -6.62 -23.60 23.27
C PHE C 56 -5.39 -23.39 22.39
N LYS C 57 -4.98 -22.13 22.24
CA LYS C 57 -3.85 -21.77 21.40
C LYS C 57 -2.62 -21.32 22.20
N ALA C 58 -1.44 -21.83 21.81
CA ALA C 58 -0.16 -21.26 22.27
C ALA C 58 0.96 -21.66 21.32
N SER C 59 2.02 -20.85 21.20
CA SER C 59 3.22 -21.23 20.41
C SER C 59 4.28 -21.78 21.37
N PHE C 60 4.87 -22.93 21.02
CA PHE C 60 5.99 -23.49 21.81
C PHE C 60 7.29 -22.76 21.47
N ASP C 61 7.39 -22.18 20.27
CA ASP C 61 8.54 -21.36 19.89
C ASP C 61 8.12 -20.18 19.02
N LYS C 62 8.75 -19.03 19.22
CA LYS C 62 8.66 -17.90 18.30
C LYS C 62 9.96 -17.93 17.48
N ALA C 63 9.89 -18.51 16.28
CA ALA C 63 11.07 -18.80 15.49
C ALA C 63 11.45 -17.60 14.64
N ASN C 64 10.62 -16.56 14.67
CA ASN C 64 10.72 -15.43 13.75
C ASN C 64 10.78 -14.06 14.43
N ARG C 65 11.22 -14.01 15.70
CA ARG C 65 11.36 -12.72 16.39
C ARG C 65 12.28 -11.83 15.55
N SER C 66 12.01 -10.53 15.55
CA SER C 66 12.87 -9.60 14.81
C SER C 66 14.27 -9.58 15.39
N SER C 67 14.36 -9.44 16.71
CA SER C 67 15.64 -9.45 17.39
C SER C 67 16.00 -10.82 17.98
N ILE C 68 17.27 -11.21 17.80
CA ILE C 68 17.87 -12.38 18.42
C ILE C 68 17.78 -12.33 19.96
N HIS C 69 17.68 -11.13 20.52
CA HIS C 69 17.59 -10.97 21.96
C HIS C 69 16.20 -11.10 22.51
N SER C 70 15.18 -11.20 21.65
CA SER C 70 13.79 -11.27 22.15
C SER C 70 13.42 -12.69 22.61
N TYR C 71 12.45 -12.81 23.50
CA TYR C 71 12.11 -14.12 24.08
C TYR C 71 11.43 -15.03 23.05
N ARG C 72 11.81 -16.32 23.07
CA ARG C 72 11.38 -17.33 22.10
C ARG C 72 10.42 -18.38 22.65
N GLY C 73 10.33 -18.55 23.96
CA GLY C 73 9.42 -19.56 24.53
C GLY C 73 10.14 -20.75 25.10
N VAL C 74 9.41 -21.69 25.69
CA VAL C 74 10.04 -22.87 26.32
C VAL C 74 10.62 -23.87 25.29
N GLY C 75 10.22 -23.80 24.03
CA GLY C 75 10.72 -24.74 23.02
C GLY C 75 9.85 -25.98 22.88
N LEU C 76 10.23 -26.83 21.94
CA LEU C 76 9.39 -27.95 21.49
C LEU C 76 9.19 -29.04 22.57
N ASP C 77 10.27 -29.47 23.20
CA ASP C 77 10.18 -30.60 24.13
C ASP C 77 9.37 -30.24 25.35
N GLU C 78 9.64 -29.06 25.92
CA GLU C 78 8.88 -28.63 27.09
C GLU C 78 7.49 -28.18 26.72
N GLY C 79 7.33 -27.58 25.53
CA GLY C 79 6.02 -27.13 25.07
C GLY C 79 5.03 -28.29 24.89
N LEU C 80 5.50 -29.38 24.30
CA LEU C 80 4.62 -30.55 24.11
C LEU C 80 4.16 -31.17 25.45
N LYS C 81 5.02 -31.11 26.46
CA LYS C 81 4.65 -31.57 27.80
C LYS C 81 3.59 -30.69 28.46
N ILE C 82 3.71 -29.38 28.28
CA ILE C 82 2.69 -28.45 28.80
C ILE C 82 1.34 -28.68 28.08
N PHE C 83 1.34 -28.84 26.76
CA PHE C 83 0.12 -29.15 26.01
C PHE C 83 -0.52 -30.47 26.50
N ALA C 84 0.30 -31.49 26.76
CA ALA C 84 -0.19 -32.78 27.28
C ALA C 84 -0.97 -32.56 28.58
N GLU C 85 -0.44 -31.70 29.43
CA GLU C 85 -1.03 -31.45 30.74
C GLU C 85 -2.30 -30.57 30.62
N VAL C 86 -2.31 -29.61 29.68
CA VAL C 86 -3.52 -28.84 29.35
C VAL C 86 -4.65 -29.78 28.91
N LYS C 87 -4.35 -30.69 27.98
CA LYS C 87 -5.33 -31.65 27.46
C LYS C 87 -5.85 -32.60 28.56
N ALA C 88 -4.95 -33.16 29.34
CA ALA C 88 -5.35 -34.07 30.43
C ALA C 88 -6.17 -33.31 31.47
N ARG C 89 -5.72 -32.11 31.84
CA ARG C 89 -6.42 -31.32 32.88
C ARG C 89 -7.81 -30.86 32.42
N PHE C 90 -7.93 -30.34 31.20
CA PHE C 90 -9.15 -29.66 30.78
C PHE C 90 -10.05 -30.37 29.77
N GLY C 91 -9.50 -31.37 29.06
CA GLY C 91 -10.24 -32.13 28.04
C GLY C 91 -10.56 -31.35 26.77
N VAL C 92 -9.82 -30.29 26.48
CA VAL C 92 -10.10 -29.49 25.29
C VAL C 92 -8.99 -29.71 24.27
N PRO C 93 -9.28 -29.48 23.00
CA PRO C 93 -8.21 -29.68 21.99
C PRO C 93 -7.26 -28.46 21.98
N VAL C 94 -6.07 -28.61 21.40
CA VAL C 94 -5.08 -27.54 21.37
C VAL C 94 -4.56 -27.28 19.95
N ILE C 95 -4.10 -26.05 19.73
CA ILE C 95 -3.56 -25.62 18.42
C ILE C 95 -2.21 -24.99 18.64
N THR C 96 -1.25 -25.37 17.80
CA THR C 96 0.11 -24.77 17.86
C THR C 96 0.73 -24.70 16.46
N ASP C 97 1.67 -23.80 16.29
CA ASP C 97 2.32 -23.61 15.00
C ASP C 97 3.63 -24.39 14.86
N VAL C 98 3.96 -24.72 13.61
CA VAL C 98 5.05 -25.61 13.26
C VAL C 98 6.00 -24.87 12.29
N HIS C 99 7.30 -24.84 12.65
CA HIS C 99 8.30 -24.02 11.97
C HIS C 99 9.29 -24.78 11.08
N GLU C 100 9.41 -26.09 11.28
CA GLU C 100 10.27 -26.97 10.48
C GLU C 100 9.52 -28.26 10.18
N ALA C 101 9.78 -28.79 8.98
CA ALA C 101 9.12 -29.98 8.48
C ALA C 101 9.20 -31.14 9.48
N GLU C 102 10.35 -31.29 10.11
CA GLU C 102 10.62 -32.41 11.04
C GLU C 102 9.89 -32.27 12.37
N GLN C 103 9.31 -31.09 12.64
CA GLN C 103 8.49 -30.89 13.82
C GLN C 103 7.05 -31.38 13.64
N ALA C 104 6.60 -31.52 12.39
CA ALA C 104 5.19 -31.84 12.12
C ALA C 104 4.71 -33.12 12.83
N ALA C 105 5.41 -34.24 12.60
CA ALA C 105 4.99 -35.53 13.20
C ALA C 105 4.99 -35.51 14.75
N PRO C 106 6.12 -35.15 15.37
CA PRO C 106 6.08 -35.10 16.84
C PRO C 106 4.98 -34.19 17.40
N VAL C 107 4.80 -33.01 16.82
CA VAL C 107 3.78 -32.08 17.28
C VAL C 107 2.38 -32.70 17.15
N ALA C 108 2.14 -33.45 16.06
CA ALA C 108 0.83 -34.03 15.81
C ALA C 108 0.45 -35.19 16.77
N GLU C 109 1.45 -35.73 17.48
CA GLU C 109 1.17 -36.70 18.56
C GLU C 109 0.35 -36.04 19.67
N ILE C 110 0.52 -34.73 19.87
CA ILE C 110 -0.14 -34.05 20.97
C ILE C 110 -1.20 -33.03 20.50
N ALA C 111 -0.79 -32.12 19.60
CA ALA C 111 -1.69 -31.07 19.09
C ALA C 111 -2.81 -31.67 18.23
N ASP C 112 -3.96 -31.02 18.28
CA ASP C 112 -5.14 -31.45 17.55
C ASP C 112 -5.31 -30.66 16.25
N VAL C 113 -4.70 -29.46 16.18
CA VAL C 113 -4.60 -28.69 14.93
C VAL C 113 -3.15 -28.17 14.80
N LEU C 114 -2.57 -28.27 13.59
CA LEU C 114 -1.25 -27.71 13.30
C LEU C 114 -1.36 -26.42 12.45
N GLN C 115 -0.62 -25.39 12.83
CA GLN C 115 -0.69 -24.10 12.17
C GLN C 115 0.57 -23.80 11.38
N VAL C 116 0.37 -23.30 10.16
CA VAL C 116 1.43 -22.84 9.31
C VAL C 116 1.62 -21.31 9.56
N PRO C 117 2.81 -20.89 10.04
CA PRO C 117 3.07 -19.45 10.22
C PRO C 117 2.96 -18.62 8.92
N ALA C 118 2.49 -17.39 9.08
CA ALA C 118 2.23 -16.46 7.98
C ALA C 118 3.42 -16.30 7.03
N PHE C 119 4.64 -16.04 7.52
CA PHE C 119 5.78 -15.87 6.61
C PHE C 119 6.17 -17.14 5.82
N LEU C 120 5.72 -18.29 6.29
CA LEU C 120 6.16 -19.58 5.80
C LEU C 120 5.12 -20.31 4.92
N ALA C 121 3.95 -19.68 4.68
CA ALA C 121 2.82 -20.36 4.02
C ALA C 121 3.09 -20.78 2.56
N ARG C 122 4.15 -20.25 1.94
CA ARG C 122 4.53 -20.61 0.58
C ARG C 122 5.58 -21.71 0.52
N GLN C 123 6.14 -22.10 1.67
CA GLN C 123 7.26 -23.09 1.71
C GLN C 123 6.70 -24.51 1.56
N THR C 124 6.85 -25.06 0.35
CA THR C 124 6.24 -26.32 -0.06
C THR C 124 6.53 -27.49 0.87
N ASP C 125 7.79 -27.68 1.26
CA ASP C 125 8.14 -28.86 2.05
C ASP C 125 7.63 -28.75 3.49
N LEU C 126 7.48 -27.54 4.00
CA LEU C 126 6.92 -27.38 5.34
C LEU C 126 5.40 -27.67 5.31
N VAL C 127 4.71 -27.04 4.36
CA VAL C 127 3.26 -27.22 4.23
C VAL C 127 2.91 -28.70 4.00
N VAL C 128 3.68 -29.37 3.14
CA VAL C 128 3.43 -30.77 2.80
C VAL C 128 3.66 -31.68 4.04
N ALA C 129 4.72 -31.39 4.80
CA ALA C 129 5.01 -32.08 6.05
C ALA C 129 3.89 -31.85 7.09
N ILE C 130 3.44 -30.61 7.22
CA ILE C 130 2.32 -30.34 8.12
C ILE C 130 1.06 -31.09 7.71
N ALA C 131 0.73 -31.00 6.43
CA ALA C 131 -0.43 -31.69 5.89
C ALA C 131 -0.33 -33.20 6.07
N LYS C 132 0.85 -33.76 5.80
CA LYS C 132 1.07 -35.22 5.94
C LYS C 132 0.88 -35.72 7.39
N ALA C 133 1.06 -34.85 8.37
CA ALA C 133 0.95 -35.26 9.79
C ALA C 133 -0.46 -35.69 10.24
N GLY C 134 -1.49 -35.41 9.42
CA GLY C 134 -2.82 -36.03 9.57
C GLY C 134 -3.81 -35.28 10.47
N LYS C 135 -3.53 -34.06 10.85
CA LYS C 135 -4.46 -33.26 11.62
C LYS C 135 -4.98 -32.12 10.75
N PRO C 136 -6.09 -31.51 11.17
CA PRO C 136 -6.49 -30.26 10.54
C PRO C 136 -5.36 -29.23 10.57
N VAL C 137 -5.33 -28.40 9.54
CA VAL C 137 -4.31 -27.40 9.32
C VAL C 137 -4.94 -26.02 9.34
N ASN C 138 -4.38 -25.11 10.14
CA ASN C 138 -4.71 -23.70 10.08
C ASN C 138 -3.61 -22.93 9.35
N VAL C 139 -3.94 -22.36 8.20
CA VAL C 139 -2.99 -21.59 7.40
C VAL C 139 -3.16 -20.09 7.70
N LYS C 140 -2.17 -19.46 8.32
CA LYS C 140 -2.18 -17.99 8.46
C LYS C 140 -1.90 -17.38 7.09
N LYS C 141 -2.80 -16.56 6.56
CA LYS C 141 -2.60 -15.89 5.27
C LYS C 141 -1.41 -14.94 5.40
N PRO C 142 -0.39 -15.08 4.56
CA PRO C 142 0.71 -14.15 4.66
C PRO C 142 0.29 -12.69 4.45
N GLN C 143 1.02 -11.80 5.09
CA GLN C 143 0.85 -10.35 4.92
C GLN C 143 1.06 -9.93 3.48
N PHE C 144 1.85 -10.72 2.74
CA PHE C 144 2.19 -10.43 1.35
C PHE C 144 1.27 -11.10 0.32
N MET C 145 0.26 -11.85 0.79
CA MET C 145 -0.52 -12.72 -0.10
C MET C 145 -1.96 -12.23 -0.28
N SER C 146 -2.38 -12.10 -1.55
CA SER C 146 -3.79 -11.82 -1.93
CA SER C 146 -3.78 -11.79 -1.87
C SER C 146 -4.73 -12.94 -1.46
N PRO C 147 -5.99 -12.61 -1.10
CA PRO C 147 -6.83 -13.67 -0.56
C PRO C 147 -7.23 -14.73 -1.61
N THR C 148 -7.11 -14.40 -2.89
CA THR C 148 -7.38 -15.36 -3.96
C THR C 148 -6.22 -16.35 -4.22
N GLN C 149 -5.10 -16.17 -3.54
CA GLN C 149 -3.95 -17.04 -3.78
C GLN C 149 -3.85 -18.20 -2.78
N LEU C 150 -4.65 -18.19 -1.72
CA LEU C 150 -4.57 -19.24 -0.68
C LEU C 150 -4.90 -20.62 -1.22
N LYS C 151 -5.72 -20.68 -2.27
CA LYS C 151 -6.07 -21.92 -2.97
C LYS C 151 -4.85 -22.78 -3.26
N HIS C 152 -3.73 -22.16 -3.62
CA HIS C 152 -2.51 -22.95 -3.90
C HIS C 152 -1.93 -23.60 -2.68
N VAL C 153 -2.10 -22.98 -1.52
CA VAL C 153 -1.63 -23.59 -0.28
C VAL C 153 -2.51 -24.81 0.06
N VAL C 154 -3.83 -24.63 -0.06
CA VAL C 154 -4.81 -25.72 0.13
C VAL C 154 -4.55 -26.89 -0.83
N SER C 155 -4.23 -26.59 -2.11
CA SER C 155 -3.92 -27.66 -3.06
C SER C 155 -2.67 -28.44 -2.66
N LYS C 156 -1.68 -27.78 -2.07
CA LYS C 156 -0.52 -28.53 -1.55
C LYS C 156 -0.94 -29.54 -0.49
N CYS C 157 -1.81 -29.13 0.44
CA CYS C 157 -2.29 -30.03 1.46
C CYS C 157 -3.11 -31.18 0.87
N GLY C 158 -3.97 -30.82 -0.09
CA GLY C 158 -4.83 -31.78 -0.76
C GLY C 158 -4.05 -32.80 -1.58
N GLU C 159 -2.92 -32.37 -2.14
CA GLU C 159 -2.07 -33.25 -2.96
C GLU C 159 -1.53 -34.45 -2.17
N VAL C 160 -1.32 -34.30 -0.88
CA VAL C 160 -0.87 -35.43 -0.06
C VAL C 160 -2.00 -35.95 0.83
N GLY C 161 -3.24 -35.62 0.49
CA GLY C 161 -4.40 -36.28 1.07
C GLY C 161 -5.04 -35.63 2.30
N ASN C 162 -4.67 -34.40 2.63
CA ASN C 162 -5.30 -33.70 3.77
C ASN C 162 -6.28 -32.61 3.27
N ASP C 163 -7.57 -32.86 3.47
CA ASP C 163 -8.63 -31.98 3.00
C ASP C 163 -9.31 -31.29 4.18
N ARG C 164 -8.62 -31.21 5.33
CA ARG C 164 -9.15 -30.48 6.50
C ARG C 164 -8.33 -29.21 6.72
N VAL C 165 -8.59 -28.20 5.90
CA VAL C 165 -7.78 -27.01 5.87
C VAL C 165 -8.63 -25.76 6.20
N MET C 166 -8.15 -24.97 7.15
CA MET C 166 -8.78 -23.71 7.50
C MET C 166 -7.85 -22.55 7.18
N LEU C 167 -8.44 -21.40 6.90
CA LEU C 167 -7.71 -20.26 6.38
C LEU C 167 -7.86 -19.09 7.35
N CYS C 168 -6.75 -18.54 7.81
CA CYS C 168 -6.80 -17.56 8.90
C CYS C 168 -6.34 -16.18 8.47
N GLU C 169 -7.24 -15.22 8.50
CA GLU C 169 -6.92 -13.82 8.20
C GLU C 169 -6.07 -13.21 9.34
N ARG C 170 -4.95 -12.56 9.02
CA ARG C 170 -4.17 -11.84 10.03
C ARG C 170 -3.61 -10.50 9.59
N GLY C 171 -4.24 -9.93 8.57
CA GLY C 171 -3.89 -8.59 8.08
C GLY C 171 -3.01 -8.62 6.85
N SER C 172 -3.02 -7.51 6.12
CA SER C 172 -2.23 -7.30 4.90
C SER C 172 -1.35 -6.05 5.04
N SER C 173 -0.16 -6.11 4.45
CA SER C 173 0.79 -5.01 4.52
C SER C 173 0.21 -3.75 3.89
N PHE C 174 0.30 -2.65 4.60
CA PHE C 174 -0.26 -1.38 4.18
C PHE C 174 0.81 -0.30 4.40
N GLY C 175 1.53 0.03 3.31
CA GLY C 175 2.75 0.84 3.38
C GLY C 175 3.79 0.13 4.24
N TYR C 176 4.59 0.89 4.97
CA TYR C 176 5.58 0.32 5.84
C TYR C 176 4.99 0.20 7.21
N ASP C 177 5.31 -0.89 7.90
CA ASP C 177 5.17 -0.98 9.35
C ASP C 177 3.72 -0.78 9.85
N ASN C 178 2.79 -1.27 9.04
CA ASN C 178 1.38 -1.23 9.38
C ASN C 178 0.62 -2.32 8.62
N LEU C 179 -0.46 -2.82 9.22
CA LEU C 179 -1.42 -3.75 8.62
C LEU C 179 -2.80 -3.11 8.50
N VAL C 180 -3.54 -3.52 7.47
CA VAL C 180 -4.96 -3.26 7.34
C VAL C 180 -5.66 -4.60 7.13
N VAL C 181 -6.90 -4.71 7.60
CA VAL C 181 -7.70 -5.90 7.32
C VAL C 181 -8.72 -5.58 6.24
N ASP C 182 -8.62 -6.28 5.11
CA ASP C 182 -9.64 -6.13 4.06
C ASP C 182 -10.80 -7.08 4.36
N MET C 183 -11.89 -6.55 4.87
CA MET C 183 -13.06 -7.38 5.21
C MET C 183 -13.68 -8.11 4.00
N LEU C 184 -13.34 -7.67 2.78
CA LEU C 184 -13.78 -8.38 1.56
C LEU C 184 -13.04 -9.70 1.32
N GLY C 185 -11.90 -9.90 2.00
CA GLY C 185 -11.03 -11.05 1.77
C GLY C 185 -11.61 -12.38 2.24
N PHE C 186 -12.43 -12.35 3.30
CA PHE C 186 -13.04 -13.57 3.83
C PHE C 186 -13.78 -14.36 2.76
N ARG C 187 -14.69 -13.72 2.02
CA ARG C 187 -15.45 -14.39 0.97
C ARG C 187 -14.56 -14.87 -0.17
N GLN C 188 -13.56 -14.08 -0.55
CA GLN C 188 -12.62 -14.47 -1.61
C GLN C 188 -11.86 -15.73 -1.23
N MET C 189 -11.46 -15.82 0.04
CA MET C 189 -10.78 -17.01 0.53
C MET C 189 -11.71 -18.22 0.47
N ALA C 190 -12.92 -18.07 0.97
CA ALA C 190 -13.89 -19.18 1.03
C ALA C 190 -14.27 -19.64 -0.38
N GLU C 191 -14.56 -18.70 -1.27
CA GLU C 191 -15.12 -19.03 -2.57
C GLU C 191 -14.11 -19.52 -3.61
N THR C 192 -12.81 -19.33 -3.38
CA THR C 192 -11.79 -19.87 -4.31
C THR C 192 -11.21 -21.19 -3.82
N THR C 193 -11.66 -21.67 -2.67
CA THR C 193 -11.10 -22.88 -2.08
C THR C 193 -12.13 -23.97 -1.83
N GLY C 194 -13.31 -23.83 -2.43
CA GLY C 194 -14.40 -24.75 -2.18
C GLY C 194 -15.05 -24.61 -0.81
N GLY C 195 -14.98 -23.43 -0.22
CA GLY C 195 -15.64 -23.16 1.05
C GLY C 195 -14.86 -23.60 2.28
N CYS C 196 -13.52 -23.52 2.26
CA CYS C 196 -12.76 -23.80 3.49
C CYS C 196 -13.24 -22.87 4.59
N PRO C 197 -13.23 -23.34 5.83
CA PRO C 197 -13.51 -22.45 6.97
C PRO C 197 -12.54 -21.26 7.04
N VAL C 198 -13.07 -20.07 7.25
CA VAL C 198 -12.25 -18.89 7.36
C VAL C 198 -12.27 -18.43 8.81
N ILE C 199 -11.11 -18.10 9.34
CA ILE C 199 -10.94 -17.68 10.72
C ILE C 199 -10.33 -16.27 10.73
N PHE C 200 -10.57 -15.51 11.81
CA PHE C 200 -10.07 -14.16 11.92
C PHE C 200 -9.21 -13.99 13.16
N ASP C 201 -7.90 -13.83 12.94
CA ASP C 201 -6.92 -13.54 13.99
C ASP C 201 -7.02 -12.04 14.24
N VAL C 202 -7.85 -11.66 15.21
CA VAL C 202 -8.03 -10.26 15.53
C VAL C 202 -6.82 -9.67 16.27
N THR C 203 -6.03 -10.54 16.90
CA THR C 203 -4.86 -10.11 17.66
C THR C 203 -3.71 -9.63 16.77
N HIS C 204 -3.16 -10.53 15.94
CA HIS C 204 -2.06 -10.14 15.04
C HIS C 204 -2.47 -9.15 13.97
N SER C 205 -3.76 -9.10 13.65
CA SER C 205 -4.25 -8.10 12.69
C SER C 205 -4.07 -6.67 13.25
N LEU C 206 -3.91 -6.54 14.56
CA LEU C 206 -3.74 -5.21 15.20
C LEU C 206 -2.28 -4.74 15.20
N GLN C 207 -1.38 -5.53 14.63
CA GLN C 207 0.04 -5.19 14.64
C GLN C 207 0.34 -3.93 13.84
N CYS C 208 1.30 -3.17 14.35
CA CYS C 208 1.96 -2.09 13.61
C CYS C 208 3.33 -1.92 14.28
N ARG C 209 4.14 -1.00 13.80
CA ARG C 209 5.44 -0.82 14.44
C ARG C 209 6.15 0.51 14.20
N ASP C 210 7.08 0.82 15.10
CA ASP C 210 8.01 1.92 14.91
C ASP C 210 9.07 1.49 13.89
N PRO C 211 9.37 2.35 12.89
CA PRO C 211 10.44 2.05 11.91
C PRO C 211 11.76 1.59 12.52
N LEU C 212 12.10 2.13 13.69
CA LEU C 212 13.38 1.82 14.35
C LEU C 212 13.25 0.88 15.55
N GLY C 213 12.10 0.27 15.74
CA GLY C 213 11.85 -0.53 16.94
C GLY C 213 12.49 -1.91 16.91
N ASP C 214 12.58 -2.53 18.09
CA ASP C 214 13.18 -3.84 18.31
C ASP C 214 12.14 -4.97 18.32
N ALA C 215 10.87 -4.61 18.48
CA ALA C 215 9.81 -5.57 18.62
C ALA C 215 8.51 -4.92 18.09
N SER C 216 7.51 -5.74 17.78
CA SER C 216 6.24 -5.19 17.25
C SER C 216 5.55 -4.19 18.20
N GLY C 217 4.92 -3.19 17.63
CA GLY C 217 3.87 -2.41 18.33
C GLY C 217 2.54 -3.12 18.09
N GLY C 218 1.45 -2.46 18.44
CA GLY C 218 0.15 -3.06 18.37
C GLY C 218 -0.94 -2.17 18.94
N ARG C 219 -2.18 -2.57 18.69
CA ARG C 219 -3.32 -1.70 18.88
C ARG C 219 -4.47 -2.37 19.65
N ARG C 220 -4.14 -2.98 20.80
CA ARG C 220 -5.12 -3.72 21.63
C ARG C 220 -6.32 -2.91 22.13
N ARG C 221 -6.22 -1.58 22.24
CA ARG C 221 -7.38 -0.80 22.63
C ARG C 221 -8.52 -0.87 21.61
N GLN C 222 -8.21 -1.28 20.37
CA GLN C 222 -9.20 -1.34 19.30
C GLN C 222 -9.63 -2.75 18.97
N VAL C 223 -9.32 -3.72 19.82
CA VAL C 223 -9.66 -5.12 19.51
C VAL C 223 -11.17 -5.29 19.34
N LEU C 224 -12.00 -4.60 20.15
CA LEU C 224 -13.45 -4.78 20.01
C LEU C 224 -13.97 -4.30 18.64
N ASP C 225 -13.47 -3.14 18.19
CA ASP C 225 -13.84 -2.57 16.89
C ASP C 225 -13.64 -3.61 15.80
N LEU C 226 -12.43 -4.16 15.77
CA LEU C 226 -12.05 -5.09 14.72
C LEU C 226 -12.77 -6.45 14.87
N ALA C 227 -12.92 -6.91 16.10
CA ALA C 227 -13.56 -8.20 16.35
C ALA C 227 -15.05 -8.19 15.99
N ARG C 228 -15.75 -7.09 16.30
CA ARG C 228 -17.15 -6.93 15.91
C ARG C 228 -17.33 -6.98 14.39
N ALA C 229 -16.50 -6.19 13.71
CA ALA C 229 -16.59 -6.06 12.25
C ALA C 229 -16.37 -7.43 11.57
N GLY C 230 -15.38 -8.17 12.03
CA GLY C 230 -15.02 -9.46 11.45
C GLY C 230 -16.08 -10.53 11.71
N ILE C 231 -16.48 -10.67 12.96
CA ILE C 231 -17.51 -11.65 13.30
C ILE C 231 -18.83 -11.35 12.57
N ALA C 232 -19.14 -10.08 12.33
CA ALA C 232 -20.41 -9.73 11.63
C ALA C 232 -20.43 -10.21 10.18
N VAL C 233 -19.27 -10.33 9.55
CA VAL C 233 -19.17 -10.82 8.18
C VAL C 233 -19.80 -12.21 8.08
N GLY C 234 -19.57 -13.04 9.10
CA GLY C 234 -20.02 -14.43 9.06
C GLY C 234 -18.89 -15.38 8.69
N ILE C 235 -18.26 -15.94 9.72
CA ILE C 235 -17.00 -16.65 9.58
C ILE C 235 -17.00 -17.86 10.53
N ALA C 236 -16.09 -18.80 10.27
CA ALA C 236 -16.05 -20.06 11.01
C ALA C 236 -15.42 -19.95 12.39
N GLY C 237 -14.48 -19.03 12.55
CA GLY C 237 -13.82 -18.89 13.84
C GLY C 237 -13.15 -17.57 14.11
N LEU C 238 -12.84 -17.36 15.39
CA LEU C 238 -12.13 -16.20 15.86
C LEU C 238 -10.85 -16.70 16.56
N PHE C 239 -9.73 -16.08 16.21
CA PHE C 239 -8.41 -16.42 16.76
C PHE C 239 -7.94 -15.26 17.65
N LEU C 240 -7.61 -15.56 18.90
CA LEU C 240 -7.44 -14.55 19.96
C LEU C 240 -6.33 -14.89 20.97
N GLU C 241 -5.48 -13.92 21.27
CA GLU C 241 -4.55 -14.05 22.36
C GLU C 241 -4.87 -13.04 23.48
N ALA C 242 -4.60 -13.46 24.71
CA ALA C 242 -4.82 -12.63 25.88
C ALA C 242 -3.67 -12.80 26.87
N HIS C 243 -3.64 -11.91 27.84
CA HIS C 243 -2.66 -11.93 28.89
C HIS C 243 -3.25 -11.14 30.04
N PRO C 244 -3.05 -11.59 31.29
CA PRO C 244 -3.61 -10.82 32.44
C PRO C 244 -3.06 -9.40 32.59
N ASP C 245 -1.84 -9.16 32.15
CA ASP C 245 -1.25 -7.83 32.09
C ASP C 245 -0.46 -7.64 30.79
N PRO C 246 -1.14 -7.20 29.71
CA PRO C 246 -0.43 -7.18 28.42
C PRO C 246 0.90 -6.41 28.38
N ASP C 247 1.05 -5.34 29.14
CA ASP C 247 2.32 -4.61 29.16
C ASP C 247 3.52 -5.48 29.57
N ARG C 248 3.29 -6.58 30.30
CA ARG C 248 4.34 -7.53 30.70
C ARG C 248 4.44 -8.81 29.84
N ALA C 249 3.66 -8.95 28.77
CA ALA C 249 3.78 -10.12 27.90
C ALA C 249 5.18 -10.18 27.27
N ARG C 250 5.65 -11.38 26.91
CA ARG C 250 6.98 -11.57 26.28
C ARG C 250 7.00 -11.45 24.75
N CYS C 251 5.82 -11.49 24.14
CA CYS C 251 5.65 -11.31 22.71
C CYS C 251 4.22 -10.83 22.41
N ASP C 252 4.13 -9.84 21.52
CA ASP C 252 2.86 -9.22 21.08
C ASP C 252 1.93 -8.74 22.22
N GLY C 253 2.52 -8.33 23.35
CA GLY C 253 1.76 -7.64 24.41
C GLY C 253 0.91 -6.47 23.91
N PRO C 254 1.46 -5.63 23.00
CA PRO C 254 0.72 -4.49 22.48
C PRO C 254 -0.61 -4.81 21.77
N SER C 255 -0.75 -6.06 21.28
CA SER C 255 -1.99 -6.50 20.64
C SER C 255 -2.84 -7.46 21.50
N ALA C 256 -2.40 -7.83 22.70
CA ALA C 256 -3.07 -8.85 23.51
C ALA C 256 -4.27 -8.29 24.26
N LEU C 257 -5.36 -9.06 24.33
CA LEU C 257 -6.52 -8.68 25.15
C LEU C 257 -6.19 -8.84 26.62
N PRO C 258 -6.48 -7.81 27.44
CA PRO C 258 -6.39 -7.99 28.88
C PRO C 258 -7.34 -9.12 29.33
N LEU C 259 -6.81 -10.13 30.02
CA LEU C 259 -7.61 -11.32 30.30
C LEU C 259 -8.93 -11.07 31.06
N HIS C 260 -8.97 -10.08 31.96
CA HIS C 260 -10.22 -9.75 32.67
C HIS C 260 -11.34 -9.26 31.72
N GLN C 261 -11.00 -8.81 30.52
CA GLN C 261 -12.00 -8.43 29.50
C GLN C 261 -12.46 -9.59 28.58
N LEU C 262 -12.05 -10.82 28.87
CA LEU C 262 -12.40 -11.94 27.99
C LEU C 262 -13.93 -12.20 27.90
N GLU C 263 -14.60 -12.33 29.05
CA GLU C 263 -16.03 -12.59 29.04
C GLU C 263 -16.75 -11.47 28.33
N GLY C 264 -16.35 -10.24 28.62
CA GLY C 264 -16.93 -9.06 27.96
C GLY C 264 -16.82 -9.12 26.45
N LEU C 265 -15.64 -9.44 25.94
CA LEU C 265 -15.47 -9.56 24.48
C LEU C 265 -16.30 -10.72 23.89
N LEU C 266 -16.21 -11.89 24.51
CA LEU C 266 -16.84 -13.11 23.96
C LEU C 266 -18.36 -13.09 24.02
N SER C 267 -18.92 -12.45 25.05
CA SER C 267 -20.37 -12.31 25.07
C SER C 267 -20.88 -11.48 23.88
N GLN C 268 -20.11 -10.47 23.44
CA GLN C 268 -20.51 -9.67 22.27
C GLN C 268 -20.31 -10.45 20.97
N MET C 269 -19.24 -11.25 20.90
CA MET C 269 -19.00 -12.10 19.74
C MET C 269 -20.13 -13.12 19.55
N LYS C 270 -20.55 -13.75 20.63
CA LYS C 270 -21.63 -14.75 20.57
C LYS C 270 -22.96 -14.12 20.14
N ALA C 271 -23.26 -12.97 20.73
CA ALA C 271 -24.49 -12.25 20.44
C ALA C 271 -24.49 -11.86 18.95
N ILE C 272 -23.36 -11.37 18.43
CA ILE C 272 -23.30 -11.00 17.01
C ILE C 272 -23.32 -12.24 16.10
N ASP C 273 -22.52 -13.27 16.43
CA ASP C 273 -22.49 -14.51 15.63
C ASP C 273 -23.88 -15.17 15.55
N ASP C 274 -24.51 -15.39 16.71
CA ASP C 274 -25.91 -15.90 16.75
C ASP C 274 -26.90 -15.13 15.87
N LEU C 275 -26.74 -13.82 15.79
CA LEU C 275 -27.59 -12.98 14.94
C LEU C 275 -27.27 -13.17 13.46
N VAL C 276 -26.03 -12.95 13.05
CA VAL C 276 -25.73 -12.92 11.61
C VAL C 276 -25.78 -14.32 10.97
N LYS C 277 -25.52 -15.36 11.75
CA LYS C 277 -25.55 -16.73 11.22
C LYS C 277 -26.95 -17.13 10.74
N ARG C 278 -27.98 -16.41 11.16
CA ARG C 278 -29.35 -16.64 10.70
C ARG C 278 -29.75 -15.80 9.49
N MET C 279 -28.91 -14.87 9.05
CA MET C 279 -29.31 -13.94 7.98
C MET C 279 -28.89 -14.42 6.59
N PRO C 280 -29.77 -14.32 5.59
CA PRO C 280 -29.41 -14.77 4.25
C PRO C 280 -28.54 -13.81 3.43
N ALA C 281 -28.06 -14.30 2.30
CA ALA C 281 -27.53 -13.43 1.23
C ALA C 281 -28.67 -12.59 0.69
N LEU C 282 -28.32 -11.48 0.07
CA LEU C 282 -29.32 -10.65 -0.59
C LEU C 282 -29.87 -11.39 -1.82
N GLU C 283 -31.12 -11.07 -2.18
CA GLU C 283 -31.84 -11.73 -3.28
C GLU C 283 -31.29 -11.35 -4.65
N ILE C 284 -30.94 -12.38 -5.44
CA ILE C 284 -30.20 -12.23 -6.69
C ILE C 284 -31.02 -12.81 -7.86
N MET D 5 -20.79 14.11 19.98
CA MET D 5 -21.61 15.24 19.47
C MET D 5 -22.67 14.64 18.55
N ASN D 6 -23.94 14.94 18.80
CA ASN D 6 -25.01 14.53 17.90
C ASN D 6 -25.29 15.69 16.96
N VAL D 7 -25.59 15.41 15.69
CA VAL D 7 -25.89 16.46 14.73
C VAL D 7 -27.38 16.38 14.30
N ALA D 8 -28.16 17.37 14.70
CA ALA D 8 -29.57 17.48 14.33
C ALA D 8 -29.65 17.88 12.86
N ILE D 9 -30.30 17.04 12.05
CA ILE D 9 -30.45 17.29 10.62
C ILE D 9 -31.83 17.90 10.31
N SER D 10 -32.86 17.37 10.94
CA SER D 10 -34.24 17.86 10.79
C SER D 10 -35.09 17.22 11.88
N PRO D 11 -36.37 17.66 12.04
CA PRO D 11 -37.17 17.00 13.07
C PRO D 11 -37.22 15.46 12.90
N GLY D 12 -36.94 14.75 13.98
CA GLY D 12 -36.90 13.30 13.96
C GLY D 12 -35.65 12.69 13.32
N VAL D 13 -34.71 13.50 12.84
CA VAL D 13 -33.45 12.96 12.30
C VAL D 13 -32.20 13.60 12.94
N THR D 14 -31.53 12.82 13.78
CA THR D 14 -30.29 13.20 14.45
C THR D 14 -29.29 12.07 14.29
N ALA D 15 -28.10 12.41 13.79
CA ALA D 15 -27.00 11.46 13.63
C ALA D 15 -26.01 11.59 14.80
N GLY D 16 -25.63 10.46 15.38
CA GLY D 16 -24.64 10.42 16.44
C GLY D 16 -24.10 9.03 16.61
N ASN D 17 -22.85 8.93 17.06
CA ASN D 17 -22.16 7.63 17.12
C ASN D 17 -22.74 6.63 18.12
N SER D 18 -23.47 7.10 19.12
CA SER D 18 -24.18 6.19 20.04
C SER D 18 -25.67 6.06 19.74
N LEU D 19 -26.17 6.79 18.73
CA LEU D 19 -27.60 6.80 18.40
C LEU D 19 -27.93 5.73 17.34
N PRO D 20 -29.23 5.38 17.18
CA PRO D 20 -29.51 4.48 16.04
C PRO D 20 -29.00 5.07 14.73
N PHE D 21 -28.49 4.22 13.84
CA PHE D 21 -27.88 4.72 12.59
C PHE D 21 -28.91 5.44 11.69
N VAL D 22 -28.45 6.52 11.04
CA VAL D 22 -29.21 7.25 10.03
C VAL D 22 -28.80 6.74 8.65
N LEU D 23 -29.78 6.44 7.80
CA LEU D 23 -29.49 6.08 6.41
C LEU D 23 -29.46 7.35 5.58
N PHE D 24 -28.30 7.62 4.96
CA PHE D 24 -28.18 8.65 3.91
C PHE D 24 -28.18 7.85 2.59
N GLY D 25 -29.35 7.82 1.98
CA GLY D 25 -29.64 6.86 0.92
C GLY D 25 -30.27 7.54 -0.27
N GLY D 26 -29.87 7.12 -1.46
CA GLY D 26 -30.53 7.60 -2.65
C GLY D 26 -29.93 7.06 -3.93
N ILE D 27 -29.53 7.99 -4.80
CA ILE D 27 -29.08 7.67 -6.15
C ILE D 27 -27.80 8.48 -6.46
N ASN D 28 -27.09 8.04 -7.48
CA ASN D 28 -25.82 8.68 -7.83
C ASN D 28 -26.02 10.09 -8.36
N VAL D 29 -26.86 10.23 -9.37
CA VAL D 29 -27.04 11.50 -10.08
C VAL D 29 -28.51 11.77 -10.36
N LEU D 30 -28.90 13.04 -10.31
CA LEU D 30 -30.24 13.47 -10.66
C LEU D 30 -30.41 13.55 -12.17
N GLU D 31 -31.42 12.84 -12.70
CA GLU D 31 -31.72 12.72 -14.14
C GLU D 31 -33.07 13.31 -14.49
N SER D 32 -34.11 12.94 -13.76
CA SER D 32 -35.43 13.53 -14.01
C SER D 32 -36.24 13.63 -12.73
N LEU D 33 -37.22 14.53 -12.74
CA LEU D 33 -38.07 14.73 -11.57
C LEU D 33 -38.78 13.44 -11.21
N ASP D 34 -39.41 12.80 -12.20
CA ASP D 34 -40.33 11.68 -11.93
C ASP D 34 -39.59 10.45 -11.42
N PHE D 35 -38.47 10.10 -12.04
CA PHE D 35 -37.66 9.00 -11.56
C PHE D 35 -37.07 9.26 -10.17
N THR D 36 -36.64 10.49 -9.90
CA THR D 36 -36.14 10.83 -8.55
C THR D 36 -37.24 10.69 -7.51
N LEU D 37 -38.44 11.19 -7.82
CA LEU D 37 -39.58 11.03 -6.91
C LEU D 37 -39.89 9.55 -6.65
N ASP D 38 -39.81 8.71 -7.69
CA ASP D 38 -40.15 7.27 -7.59
C ASP D 38 -39.17 6.49 -6.69
N VAL D 39 -37.88 6.70 -6.91
CA VAL D 39 -36.86 6.02 -6.11
C VAL D 39 -36.92 6.51 -4.67
N CYS D 40 -37.09 7.83 -4.47
CA CYS D 40 -37.15 8.38 -3.11
C CYS D 40 -38.36 7.82 -2.36
N GLY D 41 -39.43 7.62 -3.11
CA GLY D 41 -40.63 6.96 -2.62
C GLY D 41 -40.40 5.55 -2.09
N GLU D 42 -39.57 4.78 -2.80
CA GLU D 42 -39.26 3.42 -2.38
C GLU D 42 -38.43 3.45 -1.11
N TYR D 43 -37.40 4.31 -1.09
CA TYR D 43 -36.58 4.54 0.12
C TYR D 43 -37.42 4.98 1.32
N VAL D 44 -38.37 5.89 1.11
CA VAL D 44 -39.25 6.35 2.19
C VAL D 44 -40.13 5.21 2.73
N ALA D 45 -40.76 4.42 1.85
CA ALA D 45 -41.60 3.30 2.27
C ALA D 45 -40.83 2.24 3.09
N VAL D 46 -39.65 1.86 2.62
CA VAL D 46 -38.90 0.83 3.30
C VAL D 46 -38.41 1.33 4.67
N THR D 47 -37.83 2.53 4.72
CA THR D 47 -37.32 3.11 5.97
C THR D 47 -38.41 3.39 6.98
N ARG D 48 -39.57 3.83 6.51
CA ARG D 48 -40.75 4.04 7.37
C ARG D 48 -41.21 2.72 7.97
N LYS D 49 -41.34 1.69 7.11
CA LYS D 49 -41.72 0.34 7.54
C LYS D 49 -40.74 -0.21 8.58
N LEU D 50 -39.44 -0.11 8.30
CA LEU D 50 -38.44 -0.70 9.20
C LEU D 50 -38.17 0.14 10.43
N GLY D 51 -38.46 1.44 10.36
CA GLY D 51 -38.20 2.37 11.46
C GLY D 51 -36.76 2.88 11.50
N ILE D 52 -36.21 3.23 10.35
CA ILE D 52 -34.83 3.76 10.26
C ILE D 52 -34.85 5.24 9.85
N PRO D 53 -34.19 6.12 10.63
CA PRO D 53 -34.17 7.53 10.20
C PRO D 53 -33.52 7.69 8.83
N PHE D 54 -34.08 8.59 8.00
CA PHE D 54 -33.71 8.72 6.58
C PHE D 54 -33.44 10.14 6.07
N VAL D 55 -32.37 10.28 5.27
CA VAL D 55 -32.01 11.50 4.54
C VAL D 55 -31.80 11.10 3.06
N PHE D 56 -32.54 11.73 2.12
CA PHE D 56 -32.41 11.36 0.71
C PHE D 56 -31.17 11.98 0.05
N LYS D 57 -30.38 11.16 -0.67
CA LYS D 57 -29.14 11.60 -1.35
C LYS D 57 -29.19 11.56 -2.88
N ALA D 58 -28.62 12.59 -3.49
CA ALA D 58 -28.43 12.62 -4.92
C ALA D 58 -27.45 13.75 -5.25
N SER D 59 -26.71 13.59 -6.33
CA SER D 59 -25.88 14.68 -6.83
C SER D 59 -26.62 15.40 -7.94
N PHE D 60 -26.42 16.72 -8.02
CA PHE D 60 -26.95 17.52 -9.12
C PHE D 60 -25.97 17.61 -10.27
N ASP D 61 -24.68 17.37 -9.98
CA ASP D 61 -23.64 17.38 -11.02
C ASP D 61 -22.58 16.37 -10.66
N LYS D 62 -22.10 15.63 -11.67
CA LYS D 62 -20.87 14.83 -11.54
C LYS D 62 -19.72 15.62 -12.13
N ALA D 63 -18.98 16.29 -11.26
CA ALA D 63 -17.99 17.30 -11.64
C ALA D 63 -16.62 16.70 -11.99
N ASN D 64 -16.49 15.37 -11.84
CA ASN D 64 -15.19 14.68 -11.97
C ASN D 64 -15.23 13.37 -12.78
N ARG D 65 -15.99 13.35 -13.86
CA ARG D 65 -16.08 12.16 -14.73
C ARG D 65 -14.99 12.17 -15.81
N SER D 66 -14.76 11.01 -16.44
CA SER D 66 -13.59 10.77 -17.29
C SER D 66 -13.59 11.39 -18.69
N SER D 67 -14.65 12.08 -19.08
CA SER D 67 -14.67 12.74 -20.39
C SER D 67 -15.64 13.93 -20.41
N ILE D 68 -15.28 14.96 -21.16
CA ILE D 68 -16.06 16.20 -21.16
C ILE D 68 -17.52 16.00 -21.66
N HIS D 69 -17.74 14.96 -22.48
CA HIS D 69 -19.07 14.68 -23.04
C HIS D 69 -19.86 13.69 -22.22
N SER D 70 -19.20 12.97 -21.31
CA SER D 70 -19.87 12.01 -20.41
C SER D 70 -20.95 12.69 -19.57
N TYR D 71 -21.99 11.94 -19.22
CA TYR D 71 -23.23 12.53 -18.69
C TYR D 71 -23.04 12.97 -17.24
N ARG D 72 -23.46 14.19 -16.96
CA ARG D 72 -23.12 14.84 -15.69
C ARG D 72 -24.33 15.05 -14.80
N GLY D 73 -25.54 14.83 -15.32
CA GLY D 73 -26.78 15.10 -14.58
C GLY D 73 -27.46 16.38 -15.01
N VAL D 74 -28.56 16.74 -14.34
CA VAL D 74 -29.37 17.90 -14.74
C VAL D 74 -28.74 19.24 -14.39
N GLY D 75 -27.77 19.24 -13.46
CA GLY D 75 -27.06 20.46 -13.07
C GLY D 75 -27.77 21.22 -11.96
N LEU D 76 -27.12 22.28 -11.50
CA LEU D 76 -27.53 23.03 -10.31
C LEU D 76 -28.97 23.58 -10.35
N ASP D 77 -29.29 24.43 -11.32
CA ASP D 77 -30.61 25.06 -11.36
C ASP D 77 -31.74 24.03 -11.33
N GLU D 78 -31.64 23.03 -12.20
CA GLU D 78 -32.68 22.01 -12.30
C GLU D 78 -32.66 21.07 -11.10
N GLY D 79 -31.48 20.75 -10.61
CA GLY D 79 -31.32 19.86 -9.46
C GLY D 79 -32.03 20.39 -8.23
N LEU D 80 -31.87 21.70 -7.98
CA LEU D 80 -32.47 22.33 -6.81
C LEU D 80 -33.99 22.32 -6.91
N LYS D 81 -34.53 22.51 -8.12
CA LYS D 81 -35.97 22.37 -8.33
C LYS D 81 -36.47 20.96 -7.99
N ILE D 82 -35.72 19.94 -8.41
CA ILE D 82 -36.05 18.56 -8.09
C ILE D 82 -36.01 18.37 -6.58
N PHE D 83 -34.94 18.83 -5.92
CA PHE D 83 -34.84 18.69 -4.48
C PHE D 83 -36.00 19.38 -3.76
N ALA D 84 -36.37 20.57 -4.21
CA ALA D 84 -37.54 21.26 -3.65
C ALA D 84 -38.81 20.40 -3.70
N GLU D 85 -39.01 19.65 -4.78
CA GLU D 85 -40.22 18.83 -4.93
C GLU D 85 -40.15 17.51 -4.15
N VAL D 86 -38.95 16.94 -4.03
CA VAL D 86 -38.71 15.79 -3.15
C VAL D 86 -39.08 16.17 -1.70
N LYS D 87 -38.58 17.31 -1.24
CA LYS D 87 -38.85 17.76 0.14
C LYS D 87 -40.36 18.02 0.35
N ALA D 88 -40.97 18.78 -0.54
CA ALA D 88 -42.39 19.15 -0.40
C ALA D 88 -43.26 17.91 -0.42
N ARG D 89 -43.00 17.01 -1.34
CA ARG D 89 -43.80 15.79 -1.43
C ARG D 89 -43.61 14.82 -0.24
N PHE D 90 -42.36 14.43 0.07
CA PHE D 90 -42.12 13.39 1.08
C PHE D 90 -41.85 13.90 2.52
N GLY D 91 -41.53 15.18 2.68
CA GLY D 91 -41.25 15.70 4.03
C GLY D 91 -39.90 15.22 4.54
N VAL D 92 -39.01 14.92 3.61
CA VAL D 92 -37.73 14.26 3.90
C VAL D 92 -36.60 15.29 3.78
N PRO D 93 -35.58 15.22 4.66
CA PRO D 93 -34.40 16.04 4.43
C PRO D 93 -33.56 15.48 3.30
N VAL D 94 -32.73 16.33 2.68
CA VAL D 94 -31.89 15.90 1.58
C VAL D 94 -30.43 16.32 1.75
N ILE D 95 -29.53 15.52 1.15
CA ILE D 95 -28.09 15.79 1.17
C ILE D 95 -27.58 15.83 -0.27
N THR D 96 -26.75 16.81 -0.62
CA THR D 96 -26.10 16.87 -1.94
C THR D 96 -24.69 17.46 -1.84
N ASP D 97 -23.85 17.12 -2.81
CA ASP D 97 -22.48 17.59 -2.80
C ASP D 97 -22.27 18.90 -3.57
N VAL D 98 -21.33 19.72 -3.09
CA VAL D 98 -21.05 21.06 -3.61
C VAL D 98 -19.62 21.07 -4.17
N HIS D 99 -19.45 21.49 -5.42
CA HIS D 99 -18.16 21.41 -6.15
C HIS D 99 -17.43 22.72 -6.33
N GLU D 100 -18.12 23.83 -6.10
CA GLU D 100 -17.55 25.13 -6.29
C GLU D 100 -18.11 26.03 -5.18
N ALA D 101 -17.26 26.92 -4.65
CA ALA D 101 -17.61 27.84 -3.54
C ALA D 101 -18.94 28.60 -3.73
N GLU D 102 -19.16 29.13 -4.94
CA GLU D 102 -20.34 29.94 -5.22
C GLU D 102 -21.66 29.13 -5.26
N GLN D 103 -21.58 27.80 -5.34
CA GLN D 103 -22.79 26.98 -5.27
C GLN D 103 -23.30 26.82 -3.82
N ALA D 104 -22.42 27.06 -2.84
CA ALA D 104 -22.75 26.82 -1.43
C ALA D 104 -24.07 27.46 -0.99
N ALA D 105 -24.17 28.78 -1.11
CA ALA D 105 -25.35 29.51 -0.66
C ALA D 105 -26.64 29.07 -1.37
N PRO D 106 -26.62 29.00 -2.70
CA PRO D 106 -27.84 28.51 -3.34
C PRO D 106 -28.26 27.11 -2.88
N VAL D 107 -27.32 26.16 -2.85
CA VAL D 107 -27.60 24.78 -2.40
C VAL D 107 -28.21 24.77 -0.98
N ALA D 108 -27.63 25.59 -0.10
CA ALA D 108 -28.04 25.71 1.32
C ALA D 108 -29.47 26.17 1.56
N GLU D 109 -30.04 26.91 0.60
CA GLU D 109 -31.45 27.30 0.68
C GLU D 109 -32.41 26.11 0.63
N ILE D 110 -31.98 25.02 -0.01
CA ILE D 110 -32.84 23.85 -0.26
C ILE D 110 -32.34 22.59 0.47
N ALA D 111 -31.06 22.24 0.28
CA ALA D 111 -30.49 21.04 0.89
C ALA D 111 -30.39 21.21 2.42
N ASP D 112 -30.57 20.12 3.16
CA ASP D 112 -30.43 20.10 4.62
C ASP D 112 -29.06 19.66 5.10
N VAL D 113 -28.26 19.09 4.20
CA VAL D 113 -26.89 18.73 4.52
C VAL D 113 -26.07 19.02 3.30
N LEU D 114 -24.90 19.65 3.46
CA LEU D 114 -24.00 19.93 2.34
C LEU D 114 -22.75 19.03 2.48
N GLN D 115 -22.37 18.39 1.37
CA GLN D 115 -21.32 17.42 1.35
C GLN D 115 -20.11 17.95 0.61
N VAL D 116 -18.94 17.72 1.21
CA VAL D 116 -17.65 18.05 0.60
C VAL D 116 -17.12 16.83 -0.15
N PRO D 117 -16.94 16.93 -1.48
CA PRO D 117 -16.34 15.82 -2.21
C PRO D 117 -14.95 15.45 -1.69
N ALA D 118 -14.66 14.16 -1.72
CA ALA D 118 -13.45 13.58 -1.17
C ALA D 118 -12.18 14.20 -1.74
N PHE D 119 -12.11 14.34 -3.07
CA PHE D 119 -10.93 14.96 -3.69
C PHE D 119 -10.66 16.40 -3.27
N LEU D 120 -11.73 17.10 -2.86
CA LEU D 120 -11.69 18.53 -2.57
C LEU D 120 -11.62 18.89 -1.08
N ALA D 121 -11.47 17.88 -0.21
CA ALA D 121 -11.62 18.07 1.21
C ALA D 121 -10.58 19.02 1.81
N ARG D 122 -9.43 19.17 1.15
CA ARG D 122 -8.40 20.08 1.61
C ARG D 122 -8.44 21.50 1.01
N GLN D 123 -9.40 21.79 0.13
CA GLN D 123 -9.45 23.11 -0.52
C GLN D 123 -10.16 24.09 0.41
N THR D 124 -9.37 25.04 0.93
CA THR D 124 -9.79 25.98 1.97
C THR D 124 -11.05 26.78 1.61
N ASP D 125 -11.05 27.46 0.46
CA ASP D 125 -12.18 28.32 0.05
C ASP D 125 -13.48 27.54 -0.23
N LEU D 126 -13.40 26.34 -0.80
CA LEU D 126 -14.61 25.51 -0.95
C LEU D 126 -15.18 25.11 0.42
N VAL D 127 -14.32 24.57 1.28
CA VAL D 127 -14.76 24.12 2.62
C VAL D 127 -15.38 25.28 3.43
N VAL D 128 -14.72 26.45 3.43
CA VAL D 128 -15.22 27.65 4.11
C VAL D 128 -16.58 28.16 3.56
N ALA D 129 -16.71 28.22 2.25
CA ALA D 129 -18.00 28.62 1.65
C ALA D 129 -19.11 27.58 2.03
N ILE D 130 -18.77 26.30 2.04
CA ILE D 130 -19.72 25.26 2.50
C ILE D 130 -20.09 25.47 3.99
N ALA D 131 -19.08 25.64 4.83
CA ALA D 131 -19.28 25.78 6.27
C ALA D 131 -20.11 27.01 6.63
N LYS D 132 -19.87 28.10 5.91
CA LYS D 132 -20.55 29.35 6.13
C LYS D 132 -22.02 29.36 5.70
N ALA D 133 -22.42 28.42 4.84
CA ALA D 133 -23.78 28.36 4.34
C ALA D 133 -24.78 27.96 5.41
N GLY D 134 -24.28 27.43 6.54
CA GLY D 134 -25.08 27.30 7.74
C GLY D 134 -25.85 26.00 7.93
N LYS D 135 -25.60 25.00 7.09
CA LYS D 135 -26.21 23.69 7.29
C LYS D 135 -25.15 22.68 7.77
N PRO D 136 -25.59 21.56 8.38
CA PRO D 136 -24.65 20.51 8.70
C PRO D 136 -23.82 20.12 7.48
N VAL D 137 -22.59 19.71 7.71
CA VAL D 137 -21.65 19.40 6.65
C VAL D 137 -21.21 17.94 6.75
N ASN D 138 -21.19 17.23 5.62
CA ASN D 138 -20.64 15.88 5.55
C ASN D 138 -19.31 15.95 4.79
N VAL D 139 -18.23 15.55 5.43
CA VAL D 139 -16.92 15.57 4.76
C VAL D 139 -16.55 14.15 4.34
N LYS D 140 -16.45 13.93 3.03
CA LYS D 140 -15.94 12.67 2.54
C LYS D 140 -14.42 12.65 2.79
N LYS D 141 -13.95 11.64 3.54
CA LYS D 141 -12.51 11.42 3.74
C LYS D 141 -11.81 11.03 2.44
N PRO D 142 -10.86 11.84 1.99
CA PRO D 142 -10.06 11.49 0.82
C PRO D 142 -9.43 10.08 0.88
N GLN D 143 -9.46 9.37 -0.24
CA GLN D 143 -8.71 8.11 -0.45
C GLN D 143 -7.27 8.23 0.06
N PHE D 144 -6.67 9.42 -0.11
CA PHE D 144 -5.28 9.69 0.25
C PHE D 144 -5.04 10.17 1.69
N MET D 145 -6.08 10.37 2.50
CA MET D 145 -5.90 11.00 3.81
C MET D 145 -6.03 10.00 4.95
N SER D 146 -5.13 10.07 5.93
CA SER D 146 -5.21 9.16 7.06
C SER D 146 -6.34 9.59 8.01
N PRO D 147 -6.92 8.63 8.74
CA PRO D 147 -8.10 8.98 9.53
C PRO D 147 -7.82 9.88 10.72
N THR D 148 -6.57 10.09 11.10
CA THR D 148 -6.24 11.05 12.17
C THR D 148 -6.02 12.46 11.63
N GLN D 149 -6.11 12.64 10.32
CA GLN D 149 -5.87 13.97 9.72
C GLN D 149 -7.12 14.76 9.37
N LEU D 150 -8.31 14.16 9.47
CA LEU D 150 -9.57 14.91 9.19
C LEU D 150 -9.80 16.13 10.10
N LYS D 151 -9.15 16.11 11.27
CA LYS D 151 -9.30 17.14 12.30
C LYS D 151 -9.10 18.58 11.78
N HIS D 152 -8.25 18.71 10.77
CA HIS D 152 -7.93 20.01 10.18
C HIS D 152 -9.10 20.57 9.45
N VAL D 153 -9.78 19.74 8.62
CA VAL D 153 -10.95 20.18 7.86
C VAL D 153 -12.10 20.51 8.81
N VAL D 154 -12.27 19.71 9.86
CA VAL D 154 -13.29 20.01 10.88
C VAL D 154 -12.98 21.32 11.58
N SER D 155 -11.72 21.58 11.86
CA SER D 155 -11.32 22.83 12.50
C SER D 155 -11.55 24.04 11.59
N LYS D 156 -11.29 23.86 10.29
CA LYS D 156 -11.63 24.91 9.31
C LYS D 156 -13.12 25.27 9.37
N CYS D 157 -13.98 24.26 9.43
CA CYS D 157 -15.42 24.50 9.53
C CYS D 157 -15.74 25.23 10.83
N GLY D 158 -15.13 24.81 11.93
CA GLY D 158 -15.31 25.46 13.23
C GLY D 158 -14.77 26.89 13.28
N GLU D 159 -13.74 27.16 12.51
CA GLU D 159 -13.13 28.50 12.50
C GLU D 159 -14.07 29.54 11.85
N VAL D 160 -15.03 29.12 11.03
CA VAL D 160 -16.01 30.07 10.48
C VAL D 160 -17.41 29.88 11.08
N GLY D 161 -17.50 29.16 12.19
CA GLY D 161 -18.72 29.13 13.02
C GLY D 161 -19.57 27.88 12.86
N ASN D 162 -19.04 26.85 12.18
CA ASN D 162 -19.83 25.64 11.95
C ASN D 162 -19.34 24.39 12.70
N ASP D 163 -20.06 24.03 13.76
CA ASP D 163 -19.71 22.91 14.63
C ASP D 163 -20.60 21.70 14.38
N ARG D 164 -21.29 21.66 13.24
CA ARG D 164 -22.13 20.52 12.89
C ARG D 164 -21.55 19.74 11.70
N VAL D 165 -20.45 19.05 11.96
CA VAL D 165 -19.67 18.36 10.94
C VAL D 165 -19.68 16.86 11.17
N MET D 166 -19.89 16.12 10.07
CA MET D 166 -19.91 14.67 10.06
C MET D 166 -18.86 14.20 9.08
N LEU D 167 -18.34 13.00 9.29
CA LEU D 167 -17.15 12.48 8.59
C LEU D 167 -17.44 11.17 7.94
N CYS D 168 -17.13 11.04 6.67
CA CYS D 168 -17.57 9.89 5.90
C CYS D 168 -16.45 9.04 5.30
N GLU D 169 -16.39 7.78 5.73
CA GLU D 169 -15.45 6.80 5.20
C GLU D 169 -15.87 6.34 3.82
N ARG D 170 -14.94 6.38 2.86
CA ARG D 170 -15.20 5.88 1.51
C ARG D 170 -14.01 5.10 0.97
N GLY D 171 -13.16 4.60 1.86
CA GLY D 171 -12.02 3.78 1.47
C GLY D 171 -10.71 4.52 1.36
N SER D 172 -9.62 3.73 1.39
CA SER D 172 -8.26 4.25 1.31
C SER D 172 -7.50 3.58 0.13
N SER D 173 -6.71 4.36 -0.62
CA SER D 173 -5.88 3.80 -1.70
C SER D 173 -5.06 2.60 -1.25
N PHE D 174 -5.14 1.53 -2.01
CA PHE D 174 -4.43 0.29 -1.71
C PHE D 174 -3.74 -0.25 -2.95
N GLY D 175 -2.54 0.22 -3.21
CA GLY D 175 -1.89 -0.03 -4.48
C GLY D 175 -2.61 0.76 -5.56
N TYR D 176 -2.45 0.37 -6.81
CA TYR D 176 -3.07 1.05 -7.94
C TYR D 176 -4.52 0.57 -8.17
N ASP D 177 -5.42 1.53 -8.40
CA ASP D 177 -6.81 1.26 -8.79
C ASP D 177 -7.54 0.33 -7.84
N ASN D 178 -7.36 0.52 -6.55
CA ASN D 178 -8.04 -0.34 -5.57
C ASN D 178 -8.14 0.37 -4.24
N LEU D 179 -9.21 0.03 -3.52
CA LEU D 179 -9.52 0.60 -2.22
C LEU D 179 -9.69 -0.52 -1.16
N VAL D 180 -9.22 -0.25 0.07
CA VAL D 180 -9.51 -1.10 1.23
C VAL D 180 -10.13 -0.19 2.29
N VAL D 181 -11.05 -0.72 3.08
CA VAL D 181 -11.61 -0.01 4.24
C VAL D 181 -10.93 -0.49 5.52
N ASP D 182 -10.23 0.42 6.18
CA ASP D 182 -9.62 0.12 7.45
C ASP D 182 -10.65 0.38 8.53
N MET D 183 -11.21 -0.68 9.11
CA MET D 183 -12.30 -0.53 10.08
C MET D 183 -11.80 0.05 11.41
N LEU D 184 -10.48 0.08 11.61
CA LEU D 184 -9.90 0.77 12.75
C LEU D 184 -10.01 2.31 12.63
N GLY D 185 -10.24 2.81 11.42
CA GLY D 185 -10.30 4.26 11.18
C GLY D 185 -11.49 5.02 11.77
N PHE D 186 -12.61 4.34 11.96
CA PHE D 186 -13.82 4.99 12.45
C PHE D 186 -13.59 5.64 13.80
N ARG D 187 -13.09 4.87 14.77
CA ARG D 187 -12.80 5.39 16.11
C ARG D 187 -11.79 6.55 16.03
N GLN D 188 -10.78 6.41 15.16
CA GLN D 188 -9.76 7.45 14.99
C GLN D 188 -10.38 8.76 14.56
N MET D 189 -11.26 8.70 13.58
CA MET D 189 -11.95 9.90 13.09
C MET D 189 -12.77 10.60 14.19
N ALA D 190 -13.49 9.80 14.97
CA ALA D 190 -14.35 10.32 16.03
C ALA D 190 -13.52 10.88 17.19
N GLU D 191 -12.52 10.11 17.65
CA GLU D 191 -11.74 10.53 18.83
C GLU D 191 -10.87 11.76 18.60
N THR D 192 -10.32 11.91 17.40
CA THR D 192 -9.44 13.05 17.15
C THR D 192 -10.20 14.33 16.76
N THR D 193 -11.51 14.25 16.53
CA THR D 193 -12.30 15.43 16.14
C THR D 193 -13.32 15.84 17.19
N GLY D 194 -13.17 15.39 18.44
CA GLY D 194 -14.12 15.72 19.50
C GLY D 194 -15.45 14.97 19.38
N GLY D 195 -15.47 13.86 18.65
CA GLY D 195 -16.63 12.97 18.63
C GLY D 195 -17.62 13.19 17.50
N CYS D 196 -17.17 13.72 16.36
CA CYS D 196 -18.02 13.90 15.19
C CYS D 196 -18.68 12.58 14.79
N PRO D 197 -19.95 12.65 14.34
CA PRO D 197 -20.59 11.44 13.81
C PRO D 197 -19.77 10.85 12.66
N VAL D 198 -19.55 9.55 12.68
CA VAL D 198 -18.86 8.90 11.56
C VAL D 198 -19.86 8.13 10.71
N ILE D 199 -19.73 8.27 9.41
CA ILE D 199 -20.64 7.65 8.44
C ILE D 199 -19.79 6.77 7.52
N PHE D 200 -20.40 5.68 7.04
CA PHE D 200 -19.74 4.73 6.14
C PHE D 200 -20.43 4.68 4.78
N ASP D 201 -19.73 5.19 3.76
CA ASP D 201 -20.20 5.13 2.37
C ASP D 201 -19.81 3.79 1.76
N VAL D 202 -20.77 2.88 1.81
CA VAL D 202 -20.52 1.52 1.39
C VAL D 202 -20.38 1.47 -0.12
N THR D 203 -21.16 2.26 -0.86
CA THR D 203 -21.11 2.29 -2.32
C THR D 203 -19.75 2.69 -2.92
N HIS D 204 -19.21 3.85 -2.54
CA HIS D 204 -17.94 4.30 -3.13
C HIS D 204 -16.72 3.59 -2.57
N SER D 205 -16.83 3.01 -1.38
CA SER D 205 -15.80 2.06 -0.86
C SER D 205 -15.57 0.81 -1.72
N LEU D 206 -16.58 0.43 -2.49
CA LEU D 206 -16.56 -0.75 -3.35
C LEU D 206 -16.07 -0.41 -4.75
N GLN D 207 -15.51 0.79 -4.95
CA GLN D 207 -14.77 1.13 -6.17
C GLN D 207 -13.44 0.41 -6.11
N CYS D 208 -13.49 -0.92 -6.23
CA CYS D 208 -12.33 -1.75 -5.91
C CYS D 208 -12.23 -2.98 -6.81
N ARG D 209 -11.19 -3.77 -6.54
CA ARG D 209 -10.92 -5.02 -7.21
C ARG D 209 -11.97 -6.05 -6.77
N ARG D 221 -21.39 -7.41 -5.82
CA ARG D 221 -21.57 -8.72 -5.16
C ARG D 221 -21.26 -8.65 -3.66
N GLN D 222 -20.38 -7.71 -3.28
CA GLN D 222 -19.65 -7.73 -2.02
C GLN D 222 -20.21 -6.79 -0.95
N VAL D 223 -21.33 -6.13 -1.27
CA VAL D 223 -21.81 -5.02 -0.45
C VAL D 223 -22.31 -5.50 0.92
N LEU D 224 -22.94 -6.66 0.98
CA LEU D 224 -23.50 -7.11 2.27
C LEU D 224 -22.37 -7.30 3.29
N ASP D 225 -21.28 -7.90 2.84
CA ASP D 225 -20.15 -8.25 3.71
C ASP D 225 -19.62 -6.98 4.34
N LEU D 226 -19.35 -6.01 3.49
CA LEU D 226 -18.73 -4.78 3.92
C LEU D 226 -19.69 -3.92 4.80
N ALA D 227 -20.97 -3.85 4.42
CA ALA D 227 -21.97 -3.10 5.20
C ALA D 227 -22.13 -3.67 6.61
N ARG D 228 -22.18 -5.00 6.70
CA ARG D 228 -22.22 -5.70 7.98
C ARG D 228 -21.04 -5.36 8.85
N ALA D 229 -19.85 -5.44 8.26
CA ALA D 229 -18.64 -5.23 9.01
C ALA D 229 -18.61 -3.81 9.59
N GLY D 230 -18.95 -2.82 8.77
CA GLY D 230 -18.91 -1.42 9.18
C GLY D 230 -19.93 -1.05 10.25
N ILE D 231 -21.14 -1.53 10.07
CA ILE D 231 -22.24 -1.24 11.00
C ILE D 231 -21.94 -1.88 12.35
N ALA D 232 -21.28 -3.03 12.35
CA ALA D 232 -20.98 -3.73 13.60
C ALA D 232 -20.01 -2.93 14.48
N VAL D 233 -19.15 -2.09 13.88
CA VAL D 233 -18.20 -1.32 14.69
C VAL D 233 -18.99 -0.39 15.64
N GLY D 234 -20.13 0.12 15.19
CA GLY D 234 -20.93 1.08 15.96
C GLY D 234 -20.64 2.46 15.39
N ILE D 235 -21.47 2.91 14.44
CA ILE D 235 -21.29 4.18 13.75
C ILE D 235 -22.61 4.96 13.61
N ALA D 236 -22.52 6.25 13.26
CA ALA D 236 -23.67 7.15 13.18
C ALA D 236 -24.57 6.94 11.98
N GLY D 237 -24.01 6.48 10.87
CA GLY D 237 -24.80 6.32 9.67
C GLY D 237 -24.19 5.50 8.56
N LEU D 238 -25.05 5.18 7.59
CA LEU D 238 -24.69 4.47 6.41
C LEU D 238 -25.06 5.31 5.19
N PHE D 239 -24.14 5.38 4.23
CA PHE D 239 -24.31 6.16 3.03
C PHE D 239 -24.38 5.17 1.89
N LEU D 240 -25.44 5.26 1.07
CA LEU D 240 -25.83 4.20 0.15
C LEU D 240 -26.50 4.72 -1.14
N GLU D 241 -26.03 4.26 -2.31
CA GLU D 241 -26.74 4.55 -3.58
C GLU D 241 -27.33 3.28 -4.19
N ALA D 242 -28.51 3.42 -4.82
CA ALA D 242 -29.21 2.31 -5.44
C ALA D 242 -29.74 2.70 -6.82
N HIS D 243 -30.07 1.68 -7.61
CA HIS D 243 -30.76 1.82 -8.89
C HIS D 243 -31.58 0.57 -9.14
N PRO D 244 -32.76 0.69 -9.78
CA PRO D 244 -33.53 -0.55 -10.04
C PRO D 244 -32.80 -1.59 -10.91
N ASP D 245 -31.88 -1.14 -11.75
CA ASP D 245 -31.06 -2.00 -12.61
C ASP D 245 -29.64 -1.41 -12.77
N PRO D 246 -28.74 -1.71 -11.83
CA PRO D 246 -27.43 -1.05 -11.79
C PRO D 246 -26.58 -1.16 -13.08
N ASP D 247 -26.64 -2.29 -13.78
CA ASP D 247 -25.96 -2.44 -15.07
C ASP D 247 -26.33 -1.37 -16.12
N ARG D 248 -27.63 -1.09 -16.26
CA ARG D 248 -28.16 -0.32 -17.41
C ARG D 248 -28.06 1.20 -17.26
N SER D 255 -21.29 0.56 -8.91
CA SER D 255 -21.35 -0.10 -7.60
C SER D 255 -22.67 0.17 -6.86
N ALA D 256 -23.74 0.51 -7.58
CA ALA D 256 -25.02 0.81 -6.92
C ALA D 256 -25.72 -0.47 -6.49
N LEU D 257 -26.36 -0.44 -5.33
CA LEU D 257 -27.19 -1.56 -4.88
C LEU D 257 -28.41 -1.74 -5.81
N PRO D 258 -28.73 -3.00 -6.21
CA PRO D 258 -30.01 -3.19 -6.92
C PRO D 258 -31.14 -2.84 -5.99
N LEU D 259 -32.08 -2.05 -6.45
CA LEU D 259 -33.04 -1.38 -5.57
C LEU D 259 -33.94 -2.37 -4.84
N HIS D 260 -34.21 -3.53 -5.46
CA HIS D 260 -35.05 -4.55 -4.83
C HIS D 260 -34.43 -5.17 -3.59
N GLN D 261 -33.11 -5.07 -3.45
CA GLN D 261 -32.38 -5.59 -2.26
C GLN D 261 -32.37 -4.65 -1.04
N LEU D 262 -32.89 -3.43 -1.19
CA LEU D 262 -32.86 -2.43 -0.11
C LEU D 262 -33.43 -2.94 1.23
N GLU D 263 -34.67 -3.44 1.23
CA GLU D 263 -35.28 -3.90 2.47
C GLU D 263 -34.46 -5.02 3.14
N GLY D 264 -34.00 -5.97 2.32
CA GLY D 264 -33.21 -7.11 2.81
C GLY D 264 -31.90 -6.64 3.43
N LEU D 265 -31.23 -5.70 2.76
CA LEU D 265 -30.03 -5.07 3.33
C LEU D 265 -30.32 -4.31 4.60
N LEU D 266 -31.32 -3.44 4.59
CA LEU D 266 -31.56 -2.57 5.73
C LEU D 266 -32.05 -3.31 6.97
N SER D 267 -32.76 -4.43 6.79
CA SER D 267 -33.21 -5.15 7.98
C SER D 267 -32.03 -5.82 8.68
N GLN D 268 -31.02 -6.23 7.91
CA GLN D 268 -29.78 -6.76 8.51
C GLN D 268 -29.03 -5.62 9.22
N MET D 269 -28.95 -4.46 8.59
CA MET D 269 -28.30 -3.32 9.17
C MET D 269 -28.93 -2.90 10.51
N LYS D 270 -30.27 -2.85 10.56
CA LYS D 270 -30.98 -2.42 11.78
C LYS D 270 -30.82 -3.41 12.94
N ALA D 271 -30.87 -4.70 12.64
CA ALA D 271 -30.70 -5.72 13.68
C ALA D 271 -29.29 -5.68 14.28
N ILE D 272 -28.29 -5.51 13.42
CA ILE D 272 -26.91 -5.45 13.89
C ILE D 272 -26.70 -4.15 14.63
N ASP D 273 -27.16 -3.04 14.04
CA ASP D 273 -27.03 -1.74 14.68
C ASP D 273 -27.72 -1.72 16.08
N ASP D 274 -28.99 -2.13 16.17
CA ASP D 274 -29.68 -2.17 17.48
C ASP D 274 -28.90 -3.02 18.52
N LEU D 275 -28.38 -4.17 18.10
CA LEU D 275 -27.55 -5.00 18.96
C LEU D 275 -26.29 -4.24 19.49
N VAL D 276 -25.44 -3.76 18.58
CA VAL D 276 -24.16 -3.19 19.04
C VAL D 276 -24.31 -1.90 19.83
N LYS D 277 -25.38 -1.15 19.54
CA LYS D 277 -25.64 0.11 20.21
C LYS D 277 -26.15 -0.09 21.65
N ARG D 278 -26.50 -1.32 22.02
CA ARG D 278 -26.87 -1.59 23.40
C ARG D 278 -25.85 -2.44 24.15
N MET D 279 -24.71 -2.75 23.54
CA MET D 279 -23.61 -3.44 24.21
C MET D 279 -22.50 -2.42 24.54
N PRO D 280 -21.82 -2.56 25.68
CA PRO D 280 -20.87 -1.50 26.08
C PRO D 280 -19.53 -1.54 25.38
N ALA D 281 -18.80 -0.44 25.52
CA ALA D 281 -17.38 -0.42 25.24
C ALA D 281 -16.74 -1.32 26.26
N LEU D 282 -15.73 -2.05 25.82
CA LEU D 282 -14.71 -2.47 26.73
C LEU D 282 -13.77 -1.27 26.59
N GLU D 283 -13.47 -0.61 27.70
CA GLU D 283 -12.36 0.31 27.76
C GLU D 283 -11.11 -0.59 27.97
N ILE D 284 -10.45 -0.95 26.86
CA ILE D 284 -9.25 -1.77 26.91
C ILE D 284 -8.03 -0.84 27.01
N ARG D 285 -7.21 -1.05 28.04
CA ARG D 285 -5.99 -0.26 28.21
C ARG D 285 -4.75 -1.09 27.82
C1 A5P E . 12.84 -16.81 -6.29
O1 A5P E . 12.84 -16.94 -7.73
O1 A5P E . 13.22 -16.69 -4.92
C2 A5P E . 11.39 -17.29 -5.94
O2 A5P E . 10.90 -16.54 -4.84
C3 A5P E . 10.31 -17.15 -7.06
O3 A5P E . 10.20 -15.76 -7.30
C4 A5P E . 8.89 -17.66 -6.71
O4 A5P E . 8.98 -19.01 -6.22
C5 A5P E . 7.93 -17.67 -7.92
O5 A5P E . 6.54 -17.69 -7.55
P A5P E . 5.47 -18.45 -8.46
O1P A5P E . 5.76 -18.06 -9.89
O2P A5P E . 5.68 -19.92 -8.16
O3P A5P E . 4.12 -17.95 -8.02
N NO3 F . 16.38 -15.70 -5.97
O1 NO3 F . 15.52 -15.33 -5.17
O2 NO3 F . 16.35 -16.97 -6.53
O3 NO3 F . 17.41 -14.85 -6.31
N NO3 G . 13.41 -13.94 -3.13
O1 NO3 G . 12.39 -14.15 -3.76
O2 NO3 G . 13.83 -14.84 -2.17
O3 NO3 G . 14.13 -12.84 -3.42
N NO3 H . 23.92 3.80 -0.39
O1 NO3 H . 22.97 3.25 -0.89
O2 NO3 H . 25.20 3.35 -0.68
O3 NO3 H . 23.76 4.91 0.44
C1 EDO I . 3.55 -9.29 -6.59
O1 EDO I . 4.40 -10.41 -6.84
C2 EDO I . 3.25 -9.28 -5.09
O2 EDO I . 2.46 -10.43 -4.71
N NO3 J . -1.02 2.02 -0.40
O1 NO3 J . -0.91 2.05 -1.62
O2 NO3 J . -0.52 0.93 0.33
O3 NO3 J . -1.64 3.10 0.26
N NO3 K . 3.16 23.01 -6.59
O1 NO3 K . 2.52 22.06 -6.13
O2 NO3 K . 4.10 22.80 -7.58
O3 NO3 K . 2.94 24.31 -6.12
C1 EDO L . -0.03 19.92 -5.62
O1 EDO L . -0.29 20.02 -7.01
C2 EDO L . 1.07 18.90 -5.42
O2 EDO L . 1.81 18.82 -6.62
C1 EDO M . 9.89 8.90 -20.49
O1 EDO M . 10.94 8.66 -21.43
C2 EDO M . 9.75 7.67 -19.62
O2 EDO M . 9.70 6.53 -20.46
C1 A5P N . 3.59 -14.79 16.12
O1 A5P N . 3.58 -15.70 15.02
O1 A5P N . 3.39 -14.17 17.39
C2 A5P N . 4.88 -14.01 15.66
O2 A5P N . 4.87 -13.80 14.23
C3 A5P N . 5.17 -12.65 16.33
O3 A5P N . 4.13 -11.73 15.97
C4 A5P N . 6.49 -11.97 15.92
O4 A5P N . 7.64 -12.79 16.17
C5 A5P N . 6.74 -10.67 16.69
O5 A5P N . 7.74 -9.86 16.06
P A5P N . 8.71 -8.91 16.91
O1P A5P N . 7.88 -8.47 18.11
O2P A5P N . 9.87 -9.77 17.34
O3P A5P N . 9.11 -7.79 15.98
N NO3 O . 0.72 -17.22 15.96
O1 NO3 O . 1.12 -16.55 15.01
O2 NO3 O . -0.56 -17.71 15.99
O3 NO3 O . 1.53 -17.55 17.04
N NO3 P . 1.75 -15.31 12.12
O1 NO3 P . 0.56 -15.17 11.87
O2 NO3 P . 2.44 -16.51 11.88
O3 NO3 P . 2.47 -14.24 12.65
N NO3 Q . -17.56 -16.35 4.25
O1 NO3 Q . -17.66 -16.10 3.05
O2 NO3 Q . -18.36 -17.32 4.86
O3 NO3 Q . -16.66 -15.62 5.03
N NO3 R . 3.65 -4.80 10.64
O1 NO3 R . 3.44 -3.61 10.81
O2 NO3 R . 4.09 -5.34 9.40
O3 NO3 R . 3.44 -5.66 11.70
C1 EDO S . 4.49 -10.36 12.52
O1 EDO S . 4.49 -11.58 13.24
C2 EDO S . 5.83 -9.70 12.78
O2 EDO S . 5.89 -8.43 12.14
N NO3 T . -20.97 11.10 -3.59
O1 NO3 T . -21.81 11.64 -4.26
O2 NO3 T . -19.66 10.93 -4.09
O3 NO3 T . -21.27 10.63 -2.29
C1 EDO U . -16.60 11.78 -4.07
O1 EDO U . -16.85 12.71 -3.03
C2 EDO U . -16.30 10.44 -3.47
O2 EDO U . -17.04 10.19 -2.27
#